data_5GT8
#
_entry.id   5GT8
#
_cell.length_a   47.410
_cell.length_b   142.600
_cell.length_c   95.400
_cell.angle_alpha   90.00
_cell.angle_beta   90.26
_cell.angle_gamma   90.00
#
_symmetry.space_group_name_H-M   'P 1 21 1'
#
loop_
_entity.id
_entity.type
_entity.pdbx_description
1 polymer 'GATS-like protein 3'
2 polymer 'GATS-like protein 3'
3 water water
#
loop_
_entity_poly.entity_id
_entity_poly.type
_entity_poly.pdbx_seq_one_letter_code
_entity_poly.pdbx_strand_id
1 'polypeptide(L)'
;AGSGHMMELHILEHRVRVLSVARPGLWLYTHPLIKLLFLPRRSRCKFFSLTETPEDYTLMVDEEGFKELPPSEFLQVAEA
TWLVLNVSSHSGAAVQAAGVTKIARSVIAPLAEHHVSVLMLSTYQTDFILVREQDLSVVIHTLAQEFDIYREVGGEPVPV
TRDDSSNGFPRTQHGPSPTVHPIQSPQNRFCVLTLDPETLPAIATTLIDVLFYSHSTPKEAASSSPEPSSITFFAFSLIE
GYISIVMDAETQKKFPSDLLLTSSSGELWRMVRIGGQPLGFDECGIVAQIAGPLAAADISAYYISTFNFDHALVPEDGIG
SVIEVLQRRQEGLAS
;
A,B,C
2 'polypeptide(L)'
;AGSGHMMELHILEHRVRVLSVARPGLWLYTHPLIKLLFLPRRSRCKFFSLTETPEDYTLMVDEEGFKELPPSEFLQVAEA
TWLVLNVSSHSGAAVQAAGVTKIARSVIAPLAEHHVSVLMLSTYQTDFILVREQDLSVVIHTLAQEFDIYREVGGEPVPV
TRDDSSNGFPRTQHGPSPTVHPIQSPQNRFCVLTLDPETLPAIATTLIDVLFYSHSTPKEAASSSPEPSSITFFAFSLIE
GYISIVMDAETQKKFPSDLLLTSSSGELWRMVRIGGQPLGFDECGIVAQIIGPLAAADISAYYISTFNFDHALVPEDGIG
SVIEVLQRRQEGLAS
;
D
#
# COMPACT_ATOMS: atom_id res chain seq x y z
N MET A 7 -41.13 9.54 15.57
CA MET A 7 -41.91 10.39 16.51
C MET A 7 -41.39 10.26 17.94
N GLU A 8 -40.37 9.43 18.13
CA GLU A 8 -39.70 9.35 19.41
C GLU A 8 -38.69 10.50 19.55
N LEU A 9 -38.47 10.92 20.79
CA LEU A 9 -37.45 11.91 21.11
C LEU A 9 -36.49 11.29 22.13
N HIS A 10 -35.25 11.08 21.71
CA HIS A 10 -34.22 10.44 22.51
C HIS A 10 -33.24 11.48 23.03
N ILE A 11 -32.95 11.41 24.32
CA ILE A 11 -31.90 12.21 24.96
C ILE A 11 -30.71 11.27 25.16
N LEU A 12 -29.63 11.54 24.44
CA LEU A 12 -28.47 10.65 24.42
C LEU A 12 -27.53 10.96 25.59
N GLU A 13 -26.75 9.95 25.97
CA GLU A 13 -25.89 10.03 27.15
C GLU A 13 -24.72 10.99 26.98
N HIS A 14 -24.52 11.54 25.79
CA HIS A 14 -23.39 12.44 25.56
C HIS A 14 -23.55 13.71 26.39
N ARG A 15 -22.48 14.12 27.05
CA ARG A 15 -22.40 15.41 27.72
C ARG A 15 -21.32 16.20 26.99
N VAL A 16 -21.74 17.12 26.12
CA VAL A 16 -20.86 17.76 25.16
C VAL A 16 -20.39 19.11 25.70
N ARG A 17 -19.14 19.42 25.44
CA ARG A 17 -18.56 20.75 25.64
C ARG A 17 -18.33 21.39 24.29
N VAL A 18 -18.56 22.70 24.21
CA VAL A 18 -18.49 23.45 22.96
C VAL A 18 -17.49 24.57 23.17
N LEU A 19 -16.45 24.60 22.34
CA LEU A 19 -15.42 25.61 22.46
C LEU A 19 -14.98 26.08 21.08
N SER A 20 -14.17 27.13 21.08
CA SER A 20 -13.69 27.76 19.86
C SER A 20 -12.18 27.89 19.93
N VAL A 21 -11.49 27.36 18.92
CA VAL A 21 -10.05 27.49 18.76
C VAL A 21 -9.80 28.56 17.71
N ALA A 22 -9.14 29.65 18.11
CA ALA A 22 -8.68 30.63 17.16
C ALA A 22 -7.66 30.01 16.22
N ARG A 23 -7.67 30.47 14.96
CA ARG A 23 -6.78 29.89 13.96
C ARG A 23 -5.31 29.97 14.36
N PRO A 24 -4.78 31.13 14.78
CA PRO A 24 -3.35 31.21 15.14
C PRO A 24 -2.86 30.08 16.03
N GLY A 25 -3.76 29.44 16.78
CA GLY A 25 -3.37 28.41 17.72
C GLY A 25 -3.75 26.99 17.38
N LEU A 26 -4.27 26.73 16.17
CA LEU A 26 -4.72 25.38 15.85
C LEU A 26 -3.58 24.38 15.99
N TRP A 27 -2.36 24.78 15.63
CA TRP A 27 -1.21 23.89 15.76
C TRP A 27 -1.11 23.34 17.18
N LEU A 28 -1.34 24.20 18.19
CA LEU A 28 -1.21 23.78 19.58
C LEU A 28 -2.11 22.60 19.92
N TYR A 29 -3.13 22.33 19.10
CA TYR A 29 -4.06 21.24 19.36
C TYR A 29 -3.98 20.14 18.32
N THR A 30 -2.94 20.14 17.49
CA THR A 30 -2.78 19.05 16.53
C THR A 30 -2.68 17.71 17.24
N HIS A 31 -1.95 17.66 18.35
CA HIS A 31 -1.73 16.37 19.03
C HIS A 31 -3.04 15.81 19.58
N PRO A 32 -3.77 16.50 20.45
CA PRO A 32 -5.06 15.95 20.89
C PRO A 32 -6.04 15.72 19.75
N LEU A 33 -6.25 16.74 18.91
CA LEU A 33 -7.21 16.61 17.81
C LEU A 33 -6.99 15.33 17.01
N ILE A 34 -5.74 15.09 16.60
CA ILE A 34 -5.46 13.91 15.77
C ILE A 34 -5.93 12.65 16.48
N LYS A 35 -5.65 12.55 17.78
CA LYS A 35 -6.09 11.37 18.54
C LYS A 35 -7.61 11.20 18.42
N LEU A 36 -8.36 12.30 18.58
CA LEU A 36 -9.81 12.22 18.48
C LEU A 36 -10.25 11.88 17.07
N LEU A 37 -9.44 12.23 16.07
CA LEU A 37 -9.84 12.07 14.67
C LEU A 37 -9.55 10.67 14.13
N PHE A 38 -8.43 10.05 14.55
CA PHE A 38 -7.92 8.87 13.87
C PHE A 38 -7.56 7.69 14.77
N LEU A 39 -7.51 7.86 16.10
CA LEU A 39 -7.07 6.81 17.01
C LEU A 39 -8.18 6.53 18.01
N PRO A 40 -9.21 5.74 17.63
CA PRO A 40 -10.40 5.62 18.48
C PRO A 40 -10.19 4.75 19.71
N ARG A 41 -8.93 4.44 20.04
CA ARG A 41 -8.61 3.58 21.17
C ARG A 41 -7.97 4.32 22.33
N ARG A 42 -7.17 5.35 22.06
CA ARG A 42 -6.51 6.13 23.10
C ARG A 42 -7.38 7.26 23.63
N SER A 43 -8.65 7.31 23.22
CA SER A 43 -9.62 8.26 23.75
C SER A 43 -10.91 7.50 24.03
N ARG A 44 -11.48 7.72 25.21
CA ARG A 44 -12.82 7.22 25.51
C ARG A 44 -13.90 8.14 24.98
N CYS A 45 -13.53 9.21 24.27
CA CYS A 45 -14.49 10.09 23.64
C CYS A 45 -15.26 9.34 22.55
N LYS A 46 -16.56 9.61 22.46
CA LYS A 46 -17.41 9.02 21.44
C LYS A 46 -18.34 10.03 20.77
N PHE A 47 -18.19 11.31 21.08
CA PHE A 47 -18.88 12.40 20.38
C PHE A 47 -17.84 13.46 20.05
N PHE A 48 -17.56 13.65 18.76
CA PHE A 48 -16.53 14.60 18.35
C PHE A 48 -16.95 15.29 17.08
N SER A 49 -16.81 16.62 17.06
CA SER A 49 -17.16 17.42 15.90
C SER A 49 -16.22 18.61 15.82
N LEU A 50 -15.70 18.86 14.63
CA LEU A 50 -14.79 19.96 14.35
C LEU A 50 -15.28 20.65 13.08
N THR A 51 -15.44 21.98 13.16
CA THR A 51 -15.98 22.77 12.06
C THR A 51 -15.07 23.96 11.81
N GLU A 52 -14.48 24.02 10.62
CA GLU A 52 -13.68 25.15 10.18
C GLU A 52 -14.60 26.18 9.50
N THR A 53 -14.60 27.40 10.03
CA THR A 53 -15.17 28.57 9.38
C THR A 53 -14.08 29.61 9.22
N PRO A 54 -14.32 30.71 8.50
CA PRO A 54 -13.31 31.77 8.45
C PRO A 54 -13.03 32.38 9.82
N GLU A 55 -14.04 32.47 10.69
CA GLU A 55 -13.86 33.08 12.00
C GLU A 55 -12.90 32.25 12.86
N ASP A 56 -13.26 30.99 13.11
CA ASP A 56 -12.47 30.15 14.00
C ASP A 56 -12.82 28.69 13.71
N TYR A 57 -12.22 27.79 14.50
CA TYR A 57 -12.60 26.39 14.52
C TYR A 57 -13.53 26.16 15.70
N THR A 58 -14.64 25.46 15.48
CA THR A 58 -15.55 25.10 16.56
C THR A 58 -15.39 23.62 16.87
N LEU A 59 -15.37 23.30 18.17
CA LEU A 59 -15.12 21.96 18.65
C LEU A 59 -16.24 21.57 19.60
N MET A 60 -16.93 20.48 19.28
CA MET A 60 -17.96 19.89 20.14
C MET A 60 -17.46 18.51 20.54
N VAL A 61 -17.19 18.31 21.82
CA VAL A 61 -16.51 17.10 22.26
C VAL A 61 -17.03 16.72 23.65
N ASP A 62 -17.31 15.44 23.84
CA ASP A 62 -17.83 14.97 25.12
C ASP A 62 -16.80 15.19 26.22
N GLU A 63 -17.13 14.78 27.46
CA GLU A 63 -16.28 15.10 28.60
C GLU A 63 -14.94 14.38 28.51
N GLU A 64 -14.94 13.13 28.08
CA GLU A 64 -13.69 12.38 27.96
C GLU A 64 -12.76 13.03 26.95
N GLY A 65 -13.28 13.39 25.78
CA GLY A 65 -12.47 14.12 24.81
C GLY A 65 -12.15 15.52 25.26
N PHE A 66 -13.01 16.12 26.08
CA PHE A 66 -12.75 17.44 26.63
C PHE A 66 -11.56 17.42 27.59
N LYS A 67 -11.33 16.29 28.26
CA LYS A 67 -10.18 16.20 29.16
C LYS A 67 -8.85 16.19 28.42
N GLU A 68 -8.87 15.96 27.11
CA GLU A 68 -7.64 15.88 26.32
C GLU A 68 -7.13 17.24 25.85
N LEU A 69 -7.86 18.32 26.13
CA LEU A 69 -7.51 19.63 25.59
C LEU A 69 -6.89 20.51 26.67
N PRO A 70 -5.69 21.06 26.47
CA PRO A 70 -5.09 21.90 27.51
C PRO A 70 -5.55 23.35 27.38
N PRO A 71 -5.46 24.13 28.45
CA PRO A 71 -5.81 25.56 28.36
C PRO A 71 -4.97 26.28 27.31
N SER A 72 -5.43 27.47 26.93
CA SER A 72 -4.73 28.30 25.97
C SER A 72 -5.45 29.62 25.83
N GLU A 73 -4.73 30.62 25.33
CA GLU A 73 -5.33 31.90 25.01
C GLU A 73 -6.14 31.84 23.72
N PHE A 74 -5.81 30.90 22.84
CA PHE A 74 -6.58 30.71 21.61
C PHE A 74 -7.91 30.00 21.87
N LEU A 75 -8.16 29.56 23.09
CA LEU A 75 -9.31 28.72 23.41
C LEU A 75 -10.39 29.56 24.09
N GLN A 76 -11.64 29.34 23.69
CA GLN A 76 -12.80 29.95 24.33
C GLN A 76 -13.86 28.88 24.55
N VAL A 77 -14.03 28.46 25.80
CA VAL A 77 -14.89 27.33 26.14
C VAL A 77 -16.22 27.85 26.67
N ALA A 78 -17.33 27.31 26.15
CA ALA A 78 -18.64 27.66 26.64
C ALA A 78 -18.89 27.01 28.00
N GLU A 79 -19.29 27.82 28.99
CA GLU A 79 -19.36 27.37 30.37
C GLU A 79 -20.34 26.22 30.57
N ALA A 80 -21.24 25.98 29.63
CA ALA A 80 -22.36 25.07 29.85
C ALA A 80 -22.07 23.68 29.28
N THR A 81 -22.68 22.68 29.90
CA THR A 81 -22.68 21.31 29.41
C THR A 81 -23.93 21.08 28.58
N TRP A 82 -23.79 20.35 27.48
CA TRP A 82 -24.85 20.21 26.49
C TRP A 82 -25.25 18.75 26.32
N LEU A 83 -26.54 18.53 26.15
CA LEU A 83 -27.11 17.23 25.83
C LEU A 83 -27.52 17.19 24.37
N VAL A 84 -27.55 15.98 23.82
CA VAL A 84 -27.81 15.74 22.40
C VAL A 84 -29.16 15.06 22.27
N LEU A 85 -30.03 15.64 21.46
CA LEU A 85 -31.38 15.16 21.23
C LEU A 85 -31.51 14.65 19.81
N ASN A 86 -32.34 13.63 19.63
CA ASN A 86 -32.46 12.98 18.33
C ASN A 86 -33.86 12.40 18.18
N VAL A 87 -34.47 12.58 17.02
CA VAL A 87 -35.84 12.15 16.77
C VAL A 87 -35.79 10.85 15.97
N SER A 88 -36.47 9.82 16.48
CA SER A 88 -36.42 8.48 15.90
C SER A 88 -37.83 8.01 15.54
N SER A 89 -37.89 6.82 14.93
CA SER A 89 -39.16 6.23 14.51
C SER A 89 -39.75 5.38 15.63
N THR A 101 -35.36 16.16 7.49
CA THR A 101 -34.90 16.97 8.62
C THR A 101 -35.89 18.08 8.93
N LYS A 102 -37.15 17.72 9.13
CA LYS A 102 -38.19 18.66 9.50
C LYS A 102 -38.32 18.81 11.01
N ILE A 103 -37.20 18.72 11.73
CA ILE A 103 -37.18 18.91 13.17
C ILE A 103 -37.68 20.30 13.55
N ALA A 104 -37.75 21.22 12.58
CA ALA A 104 -38.04 22.62 12.86
C ALA A 104 -39.46 22.82 13.39
N ARG A 105 -40.46 22.47 12.59
CA ARG A 105 -41.83 22.80 12.91
C ARG A 105 -42.32 22.12 14.19
N SER A 106 -41.61 21.09 14.67
CA SER A 106 -42.08 20.30 15.80
C SER A 106 -41.12 20.28 16.97
N VAL A 107 -39.95 20.93 16.88
CA VAL A 107 -38.99 20.93 17.97
C VAL A 107 -38.40 22.32 18.12
N ILE A 108 -37.60 22.74 17.13
CA ILE A 108 -36.88 24.01 17.23
C ILE A 108 -37.86 25.16 17.39
N ALA A 109 -39.00 25.10 16.69
CA ALA A 109 -39.98 26.18 16.78
C ALA A 109 -40.57 26.28 18.18
N PRO A 110 -41.22 25.25 18.72
CA PRO A 110 -41.74 25.37 20.10
C PRO A 110 -40.67 25.71 21.13
N LEU A 111 -39.52 25.01 21.10
CA LEU A 111 -38.47 25.31 22.05
C LEU A 111 -38.03 26.77 21.98
N ALA A 112 -37.91 27.30 20.75
CA ALA A 112 -37.61 28.72 20.60
C ALA A 112 -38.72 29.57 21.21
N GLU A 113 -39.98 29.16 21.05
CA GLU A 113 -41.08 29.89 21.66
C GLU A 113 -40.95 29.93 23.18
N HIS A 114 -40.27 28.94 23.76
CA HIS A 114 -39.98 28.92 25.19
C HIS A 114 -38.59 29.49 25.51
N HIS A 115 -37.99 30.22 24.58
CA HIS A 115 -36.71 30.88 24.78
C HIS A 115 -35.64 29.87 25.24
N VAL A 116 -35.43 28.88 24.39
CA VAL A 116 -34.41 27.85 24.61
C VAL A 116 -33.49 27.86 23.39
N SER A 117 -32.28 28.36 23.57
CA SER A 117 -31.30 28.32 22.50
C SER A 117 -30.92 26.87 22.20
N VAL A 118 -30.64 26.60 20.93
CA VAL A 118 -30.24 25.26 20.50
C VAL A 118 -29.05 25.37 19.55
N LEU A 119 -28.25 24.31 19.51
CA LEU A 119 -27.14 24.20 18.57
C LEU A 119 -27.41 23.00 17.68
N MET A 120 -27.67 23.25 16.40
CA MET A 120 -27.94 22.16 15.47
C MET A 120 -26.64 21.48 15.05
N LEU A 121 -26.75 20.20 14.68
CA LEU A 121 -25.62 19.47 14.13
C LEU A 121 -26.20 18.32 13.30
N SER A 122 -26.54 18.66 12.06
CA SER A 122 -26.98 17.64 11.11
C SER A 122 -25.78 16.87 10.60
N THR A 123 -25.85 15.56 10.66
CA THR A 123 -24.83 14.68 10.11
C THR A 123 -25.46 13.81 9.05
N TYR A 124 -24.61 13.14 8.25
CA TYR A 124 -25.13 12.27 7.20
C TYR A 124 -26.04 11.19 7.77
N GLN A 125 -25.81 10.78 9.02
CA GLN A 125 -26.57 9.69 9.62
CA GLN A 125 -26.57 9.69 9.62
C GLN A 125 -27.84 10.16 10.30
N THR A 126 -27.76 11.21 11.11
CA THR A 126 -28.92 11.71 11.84
C THR A 126 -28.72 13.18 12.15
N ASP A 127 -29.80 13.83 12.59
CA ASP A 127 -29.82 15.25 12.91
C ASP A 127 -29.82 15.43 14.41
N PHE A 128 -28.74 16.00 14.95
CA PHE A 128 -28.58 16.19 16.38
C PHE A 128 -29.02 17.60 16.78
N ILE A 129 -29.71 17.69 17.91
CA ILE A 129 -30.17 18.97 18.47
C ILE A 129 -29.57 19.11 19.86
N LEU A 130 -28.62 20.01 20.00
CA LEU A 130 -27.93 20.19 21.28
C LEU A 130 -28.63 21.26 22.11
N VAL A 131 -28.96 20.92 23.35
CA VAL A 131 -29.58 21.86 24.30
C VAL A 131 -28.82 21.78 25.61
N ARG A 132 -28.73 22.91 26.30
CA ARG A 132 -28.08 22.92 27.61
C ARG A 132 -28.91 22.11 28.61
N GLU A 133 -28.22 21.40 29.51
CA GLU A 133 -28.95 20.65 30.53
C GLU A 133 -29.83 21.57 31.36
N GLN A 134 -29.40 22.82 31.57
CA GLN A 134 -30.26 23.81 32.20
C GLN A 134 -31.64 23.81 31.57
N ASP A 135 -31.69 23.90 30.25
CA ASP A 135 -32.95 23.96 29.52
C ASP A 135 -33.65 22.60 29.43
N LEU A 136 -32.96 21.52 29.80
CA LEU A 136 -33.49 20.17 29.58
C LEU A 136 -34.95 20.07 30.03
N SER A 137 -35.21 20.41 31.29
CA SER A 137 -36.57 20.30 31.81
C SER A 137 -37.56 20.98 30.88
N VAL A 138 -37.31 22.25 30.55
CA VAL A 138 -38.22 22.99 29.67
C VAL A 138 -38.48 22.18 28.41
N VAL A 139 -37.41 21.64 27.82
CA VAL A 139 -37.56 20.85 26.59
C VAL A 139 -38.61 19.78 26.80
N ILE A 140 -38.45 18.96 27.83
CA ILE A 140 -39.47 17.95 28.14
C ILE A 140 -40.82 18.64 28.27
N HIS A 141 -40.90 19.63 29.15
CA HIS A 141 -42.14 20.36 29.37
C HIS A 141 -42.77 20.79 28.05
N THR A 142 -41.96 21.05 27.04
CA THR A 142 -42.46 21.60 25.78
C THR A 142 -42.82 20.54 24.75
N LEU A 143 -42.21 19.35 24.83
CA LEU A 143 -42.34 18.37 23.75
C LEU A 143 -42.89 17.03 24.21
N ALA A 144 -43.17 16.87 25.50
CA ALA A 144 -43.70 15.58 25.98
C ALA A 144 -45.06 15.26 25.39
N GLN A 145 -45.76 16.27 24.84
CA GLN A 145 -47.10 16.03 24.31
C GLN A 145 -47.07 15.43 22.91
N GLU A 146 -46.06 15.77 22.11
CA GLU A 146 -45.99 15.32 20.72
C GLU A 146 -45.04 14.15 20.51
N PHE A 147 -44.05 13.96 21.39
CA PHE A 147 -43.16 12.82 21.33
C PHE A 147 -43.19 12.06 22.64
N ASP A 148 -42.98 10.75 22.56
CA ASP A 148 -42.56 9.98 23.71
C ASP A 148 -41.07 10.21 23.91
N ILE A 149 -40.71 10.82 25.04
CA ILE A 149 -39.33 11.23 25.28
C ILE A 149 -38.62 10.12 26.03
N TYR A 150 -37.51 9.62 25.45
CA TYR A 150 -36.69 8.61 26.08
C TYR A 150 -35.35 9.22 26.49
N ARG A 151 -34.68 8.58 27.45
CA ARG A 151 -33.36 9.02 27.89
C ARG A 151 -32.42 7.83 27.96
N GLU A 152 -31.18 8.04 27.54
CA GLU A 152 -30.21 6.94 27.41
C GLU A 152 -29.53 6.73 28.77
N VAL A 153 -30.05 5.79 29.54
CA VAL A 153 -29.48 5.40 30.83
C VAL A 153 -28.90 4.00 30.68
N GLY A 154 -27.66 3.83 31.09
CA GLY A 154 -26.99 2.55 30.89
C GLY A 154 -27.00 2.10 29.45
N GLY A 155 -26.80 3.04 28.52
CA GLY A 155 -26.85 2.71 27.11
C GLY A 155 -28.18 2.14 26.65
N GLU A 156 -29.26 2.42 27.37
CA GLU A 156 -30.57 1.89 27.04
C GLU A 156 -31.58 3.03 26.99
N PRO A 157 -32.53 3.00 26.06
CA PRO A 157 -33.52 4.08 25.97
C PRO A 157 -34.69 3.83 26.93
N VAL A 158 -34.77 4.64 27.96
CA VAL A 158 -35.70 4.45 29.08
C VAL A 158 -36.75 5.56 29.02
N PRO A 159 -38.04 5.25 29.09
CA PRO A 159 -39.05 6.32 29.13
C PRO A 159 -38.88 7.19 30.36
N VAL A 160 -38.94 8.50 30.16
CA VAL A 160 -38.78 9.47 31.24
C VAL A 160 -40.14 10.12 31.50
N THR A 161 -40.58 10.04 32.76
CA THR A 161 -41.69 10.85 33.25
C THR A 161 -41.19 12.08 34.00
N ARG A 162 -40.18 11.92 34.85
CA ARG A 162 -39.58 13.03 35.57
C ARG A 162 -38.57 13.75 34.67
N VAL A 180 -33.64 40.91 12.93
CA VAL A 180 -32.50 41.82 12.89
C VAL A 180 -31.21 41.04 12.68
N HIS A 181 -31.01 40.52 11.46
CA HIS A 181 -29.81 39.78 11.13
C HIS A 181 -29.71 39.62 9.61
N PRO A 182 -28.63 40.04 8.97
CA PRO A 182 -28.49 39.84 7.53
C PRO A 182 -28.07 38.41 7.21
N ILE A 183 -28.18 38.07 5.93
CA ILE A 183 -27.97 36.71 5.45
C ILE A 183 -26.78 36.71 4.48
N GLN A 184 -25.90 35.74 4.65
CA GLN A 184 -24.79 35.52 3.74
C GLN A 184 -25.06 34.25 2.94
N SER A 185 -24.95 34.36 1.61
CA SER A 185 -25.20 33.24 0.70
C SER A 185 -23.94 33.03 -0.15
N PRO A 186 -22.92 32.37 0.39
CA PRO A 186 -21.75 32.02 -0.43
C PRO A 186 -22.16 31.25 -1.68
N GLN A 187 -21.21 31.07 -2.61
CA GLN A 187 -21.50 30.35 -3.85
C GLN A 187 -20.66 29.09 -3.99
N ASN A 188 -19.95 28.68 -2.93
CA ASN A 188 -19.30 27.38 -2.94
C ASN A 188 -20.35 26.28 -3.07
N ARG A 189 -19.93 25.14 -3.63
CA ARG A 189 -20.82 24.00 -3.84
C ARG A 189 -20.35 22.90 -2.89
N PHE A 190 -21.05 22.76 -1.77
CA PHE A 190 -20.66 21.81 -0.74
C PHE A 190 -21.23 20.44 -1.04
N CYS A 191 -20.48 19.42 -0.61
CA CYS A 191 -20.89 18.03 -0.68
C CYS A 191 -20.98 17.48 0.73
N VAL A 192 -21.98 16.64 0.95
CA VAL A 192 -22.17 15.94 2.22
C VAL A 192 -21.73 14.50 1.99
N LEU A 193 -20.64 14.12 2.64
CA LEU A 193 -20.06 12.79 2.49
C LEU A 193 -20.04 12.08 3.83
N THR A 194 -20.23 10.77 3.79
CA THR A 194 -19.87 9.91 4.90
C THR A 194 -18.68 9.06 4.46
N LEU A 195 -18.34 8.08 5.27
CA LEU A 195 -17.15 7.29 4.98
C LEU A 195 -17.14 6.03 5.84
N ASP A 196 -16.71 4.93 5.26
CA ASP A 196 -16.52 3.69 6.01
C ASP A 196 -15.38 3.89 7.00
N PRO A 197 -15.61 3.79 8.31
CA PRO A 197 -14.52 4.03 9.26
C PRO A 197 -13.27 3.20 9.00
N GLU A 198 -13.43 1.94 8.59
CA GLU A 198 -12.27 1.08 8.37
C GLU A 198 -11.38 1.54 7.23
N THR A 199 -11.78 2.58 6.49
CA THR A 199 -10.94 3.16 5.44
C THR A 199 -10.53 4.60 5.76
N LEU A 200 -10.76 5.06 6.99
CA LEU A 200 -10.36 6.42 7.35
C LEU A 200 -8.87 6.66 7.19
N PRO A 201 -7.98 5.75 7.57
CA PRO A 201 -6.53 6.03 7.39
C PRO A 201 -6.16 6.40 5.96
N ALA A 202 -6.82 5.80 4.97
CA ALA A 202 -6.48 6.05 3.58
C ALA A 202 -6.60 7.52 3.20
N ILE A 203 -7.39 8.30 3.94
CA ILE A 203 -7.52 9.74 3.68
C ILE A 203 -6.82 10.58 4.74
N ALA A 204 -6.28 9.97 5.79
CA ALA A 204 -5.74 10.72 6.92
C ALA A 204 -4.84 11.86 6.45
N THR A 205 -3.77 11.53 5.73
CA THR A 205 -2.82 12.56 5.31
C THR A 205 -3.51 13.70 4.59
N THR A 206 -4.46 13.39 3.70
CA THR A 206 -5.23 14.43 3.05
C THR A 206 -6.00 15.25 4.07
N LEU A 207 -6.79 14.58 4.91
CA LEU A 207 -7.62 15.29 5.87
C LEU A 207 -6.78 16.21 6.75
N ILE A 208 -5.72 15.68 7.34
CA ILE A 208 -4.81 16.50 8.15
C ILE A 208 -4.35 17.70 7.35
N ASP A 209 -3.93 17.48 6.10
CA ASP A 209 -3.47 18.58 5.26
C ASP A 209 -4.53 19.66 5.14
N VAL A 210 -5.80 19.25 4.98
CA VAL A 210 -6.88 20.21 4.83
C VAL A 210 -7.11 20.97 6.13
N LEU A 211 -6.90 20.33 7.28
CA LEU A 211 -7.33 20.92 8.54
C LEU A 211 -6.26 21.78 9.21
N PHE A 212 -5.00 21.38 9.12
CA PHE A 212 -3.95 22.01 9.93
C PHE A 212 -2.91 22.78 9.13
N TYR A 213 -2.78 22.55 7.82
CA TYR A 213 -1.66 23.10 7.05
C TYR A 213 -2.10 23.83 5.78
N SER A 214 -3.37 24.22 5.67
CA SER A 214 -3.88 24.87 4.47
C SER A 214 -4.03 26.37 4.72
N HIS A 215 -3.39 27.18 3.87
CA HIS A 215 -3.47 28.63 3.95
C HIS A 215 -3.32 29.13 5.38
N SER A 229 -18.02 35.48 -4.71
CA SER A 229 -17.69 35.42 -3.29
C SER A 229 -17.80 33.99 -2.78
N SER A 230 -16.98 33.66 -1.78
CA SER A 230 -16.92 32.31 -1.24
C SER A 230 -16.47 32.38 0.21
N ILE A 231 -16.52 31.23 0.88
CA ILE A 231 -16.02 31.10 2.24
C ILE A 231 -15.40 29.73 2.40
N THR A 232 -14.43 29.63 3.31
CA THR A 232 -13.82 28.36 3.65
C THR A 232 -14.60 27.70 4.77
N PHE A 233 -15.21 26.56 4.48
CA PHE A 233 -16.02 25.83 5.45
C PHE A 233 -15.71 24.35 5.33
N PHE A 234 -15.41 23.70 6.45
CA PHE A 234 -15.12 22.27 6.43
C PHE A 234 -15.65 21.65 7.70
N ALA A 235 -16.30 20.50 7.59
CA ALA A 235 -16.88 19.84 8.75
C ALA A 235 -16.42 18.40 8.79
N PHE A 236 -15.91 17.97 9.94
CA PHE A 236 -15.67 16.56 10.22
C PHE A 236 -16.24 16.21 11.58
N SER A 237 -16.93 15.07 11.66
CA SER A 237 -17.50 14.64 12.91
C SER A 237 -17.44 13.12 12.97
N LEU A 238 -17.05 12.62 14.14
CA LEU A 238 -17.10 11.19 14.46
C LEU A 238 -17.95 11.05 15.72
N ILE A 239 -19.12 10.46 15.58
CA ILE A 239 -20.04 10.29 16.70
C ILE A 239 -20.50 8.84 16.71
N GLU A 240 -20.26 8.16 17.83
CA GLU A 240 -20.64 6.75 17.99
C GLU A 240 -20.17 5.92 16.80
N GLY A 241 -18.95 6.19 16.34
CA GLY A 241 -18.37 5.43 15.26
C GLY A 241 -18.86 5.76 13.87
N TYR A 242 -19.58 6.87 13.70
CA TYR A 242 -20.07 7.30 12.40
C TYR A 242 -19.37 8.59 12.00
N ILE A 243 -18.95 8.65 10.73
CA ILE A 243 -18.17 9.77 10.21
C ILE A 243 -19.06 10.59 9.26
N SER A 244 -19.15 11.88 9.53
CA SER A 244 -19.84 12.82 8.65
C SER A 244 -18.90 13.95 8.30
N ILE A 245 -18.79 14.26 7.01
CA ILE A 245 -17.92 15.33 6.52
C ILE A 245 -18.74 16.21 5.60
N VAL A 246 -18.66 17.52 5.80
CA VAL A 246 -19.13 18.50 4.82
C VAL A 246 -17.90 19.13 4.20
N MET A 247 -17.89 19.22 2.88
CA MET A 247 -16.68 19.56 2.15
C MET A 247 -17.04 20.47 0.99
N ASP A 248 -16.03 21.14 0.45
CA ASP A 248 -16.21 21.81 -0.83
C ASP A 248 -15.85 20.85 -1.95
N ALA A 249 -16.37 21.14 -3.14
CA ALA A 249 -16.01 20.32 -4.30
C ALA A 249 -14.60 20.62 -4.78
N GLU A 250 -14.12 21.85 -4.57
CA GLU A 250 -12.72 22.15 -4.81
C GLU A 250 -11.84 21.43 -3.79
N THR A 251 -12.33 21.32 -2.55
CA THR A 251 -11.64 20.54 -1.53
C THR A 251 -11.84 19.04 -1.72
N GLN A 252 -12.89 18.64 -2.44
CA GLN A 252 -13.17 17.22 -2.69
C GLN A 252 -12.20 16.63 -3.71
N LYS A 253 -11.59 17.46 -4.55
CA LYS A 253 -10.64 16.97 -5.54
C LYS A 253 -9.37 16.41 -4.89
N LYS A 254 -8.98 16.98 -3.74
CA LYS A 254 -7.70 16.66 -3.13
C LYS A 254 -7.68 15.27 -2.49
N PHE A 255 -8.84 14.61 -2.37
CA PHE A 255 -8.91 13.34 -1.68
C PHE A 255 -8.85 12.18 -2.66
N PRO A 256 -8.38 11.01 -2.21
CA PRO A 256 -8.43 9.81 -3.05
C PRO A 256 -9.79 9.60 -3.70
N SER A 257 -9.85 8.64 -4.62
CA SER A 257 -11.07 8.35 -5.37
C SER A 257 -11.74 7.10 -4.83
N ASP A 258 -13.08 7.10 -4.83
CA ASP A 258 -13.89 5.95 -4.46
C ASP A 258 -13.81 5.64 -2.96
N LEU A 259 -13.63 6.67 -2.12
CA LEU A 259 -13.63 6.49 -0.68
C LEU A 259 -14.75 7.27 0.00
N LEU A 260 -14.91 8.55 -0.35
CA LEU A 260 -15.98 9.36 0.23
C LEU A 260 -17.30 9.02 -0.43
N LEU A 261 -18.34 8.89 0.38
CA LEU A 261 -19.65 8.41 -0.05
C LEU A 261 -20.68 9.51 0.09
N THR A 262 -21.41 9.80 -0.99
CA THR A 262 -22.40 10.85 -1.01
C THR A 262 -23.77 10.26 -1.32
N SER A 263 -24.81 11.01 -0.94
CA SER A 263 -26.19 10.56 -1.09
C SER A 263 -26.74 11.06 -2.42
N SER A 264 -26.75 10.19 -3.42
CA SER A 264 -27.36 10.47 -4.72
C SER A 264 -27.10 11.89 -5.20
N SER A 265 -25.96 12.46 -4.82
CA SER A 265 -25.68 13.88 -5.05
C SER A 265 -25.10 14.08 -6.45
N GLY A 266 -25.99 14.13 -7.44
CA GLY A 266 -25.66 14.80 -8.68
C GLY A 266 -25.87 16.28 -8.44
N GLU A 267 -27.03 16.61 -7.88
CA GLU A 267 -27.27 17.95 -7.35
C GLU A 267 -26.49 18.12 -6.05
N LEU A 268 -25.59 19.10 -6.01
CA LEU A 268 -24.80 19.38 -4.82
C LEU A 268 -25.56 20.36 -3.93
N TRP A 269 -24.89 20.88 -2.91
CA TRP A 269 -25.52 21.68 -1.88
C TRP A 269 -25.02 23.11 -1.91
N ARG A 270 -25.86 24.02 -1.45
CA ARG A 270 -25.52 25.43 -1.32
C ARG A 270 -25.80 25.85 0.11
N MET A 271 -24.99 26.80 0.59
CA MET A 271 -25.03 27.22 1.98
C MET A 271 -25.72 28.57 2.13
N VAL A 272 -26.58 28.65 3.13
CA VAL A 272 -27.03 29.90 3.71
C VAL A 272 -26.39 30.00 5.09
N ARG A 273 -26.10 31.22 5.52
CA ARG A 273 -25.33 31.41 6.74
C ARG A 273 -25.74 32.73 7.40
N ILE A 274 -26.32 32.63 8.59
CA ILE A 274 -26.69 33.79 9.39
C ILE A 274 -25.65 34.00 10.48
N GLY A 275 -25.13 35.22 10.58
CA GLY A 275 -23.99 35.50 11.43
C GLY A 275 -24.38 35.95 12.82
N GLY A 276 -23.35 36.17 13.64
CA GLY A 276 -23.55 36.65 14.99
C GLY A 276 -22.23 36.74 15.72
N GLN A 277 -22.32 37.00 17.01
CA GLN A 277 -21.15 37.07 17.87
C GLN A 277 -20.99 35.75 18.62
N PRO A 278 -20.07 35.71 19.59
CA PRO A 278 -19.79 34.50 20.33
C PRO A 278 -21.07 33.97 20.98
N LEU A 279 -20.97 32.74 21.51
CA LEU A 279 -22.07 32.15 22.26
C LEU A 279 -22.52 33.08 23.38
N GLY A 280 -23.69 33.69 23.22
CA GLY A 280 -24.19 34.64 24.20
C GLY A 280 -25.68 34.87 24.02
N ILE A 286 -30.21 31.23 16.96
CA ILE A 286 -31.05 31.97 16.03
C ILE A 286 -31.54 31.07 14.89
N VAL A 287 -31.22 29.77 14.98
CA VAL A 287 -31.71 28.81 13.99
C VAL A 287 -33.23 28.88 13.84
N ALA A 288 -33.94 29.34 14.87
CA ALA A 288 -35.38 29.53 14.75
C ALA A 288 -35.71 30.45 13.57
N GLN A 289 -34.85 31.43 13.29
CA GLN A 289 -35.08 32.37 12.20
C GLN A 289 -34.58 31.86 10.86
N ILE A 290 -34.08 30.62 10.80
CA ILE A 290 -33.79 29.94 9.54
C ILE A 290 -34.63 28.67 9.39
N ALA A 291 -34.70 27.87 10.45
CA ALA A 291 -35.42 26.61 10.39
C ALA A 291 -36.92 26.84 10.16
N GLY A 292 -37.53 27.67 11.01
CA GLY A 292 -38.98 27.87 10.91
C GLY A 292 -39.37 28.50 9.57
N PRO A 293 -38.76 29.59 9.11
CA PRO A 293 -39.03 30.07 7.75
C PRO A 293 -38.88 28.95 6.72
N LEU A 294 -37.70 28.33 6.69
CA LEU A 294 -37.46 27.25 5.74
C LEU A 294 -38.44 26.09 5.94
N ALA A 295 -39.05 25.99 7.11
CA ALA A 295 -40.03 24.93 7.35
C ALA A 295 -41.29 25.14 6.52
N ALA A 296 -41.68 26.40 6.29
CA ALA A 296 -42.88 26.68 5.50
C ALA A 296 -42.82 25.97 4.16
N ALA A 297 -41.68 26.05 3.48
CA ALA A 297 -41.51 25.47 2.15
C ALA A 297 -41.33 23.96 2.18
N ASP A 298 -41.43 23.31 3.35
CA ASP A 298 -41.23 21.88 3.48
C ASP A 298 -39.93 21.42 2.82
N ILE A 299 -38.97 22.33 2.66
CA ILE A 299 -37.68 22.01 2.06
C ILE A 299 -36.71 21.58 3.15
N SER A 300 -35.94 20.53 2.84
CA SER A 300 -35.01 19.96 3.80
C SER A 300 -33.68 20.69 3.75
N ALA A 301 -32.89 20.51 4.82
CA ALA A 301 -31.60 21.18 4.91
C ALA A 301 -30.74 20.51 5.97
N TYR A 302 -29.43 20.66 5.82
CA TYR A 302 -28.45 20.25 6.82
C TYR A 302 -28.09 21.47 7.66
N TYR A 303 -28.40 21.43 8.95
CA TYR A 303 -28.08 22.53 9.85
C TYR A 303 -26.78 22.24 10.58
N ILE A 304 -25.93 23.25 10.69
CA ILE A 304 -24.69 23.15 11.45
C ILE A 304 -24.49 24.46 12.20
N SER A 305 -24.37 24.39 13.52
CA SER A 305 -24.10 25.55 14.35
C SER A 305 -22.63 25.56 14.74
N THR A 306 -22.00 26.72 14.61
CA THR A 306 -20.65 26.95 15.08
C THR A 306 -20.68 28.00 16.17
N PHE A 307 -19.50 28.32 16.71
CA PHE A 307 -19.43 29.19 17.87
C PHE A 307 -19.93 30.60 17.57
N ASN A 308 -19.95 31.02 16.30
CA ASN A 308 -20.28 32.40 15.99
C ASN A 308 -21.40 32.54 14.96
N PHE A 309 -21.57 31.55 14.08
CA PHE A 309 -22.56 31.64 13.01
C PHE A 309 -23.41 30.37 12.98
N ASP A 310 -24.49 30.43 12.20
CA ASP A 310 -25.35 29.28 11.96
C ASP A 310 -25.48 29.05 10.46
N HIS A 311 -25.48 27.78 10.06
CA HIS A 311 -25.42 27.40 8.66
C HIS A 311 -26.54 26.43 8.32
N ALA A 312 -27.12 26.61 7.14
CA ALA A 312 -28.06 25.66 6.57
C ALA A 312 -27.58 25.32 5.17
N LEU A 313 -27.71 24.05 4.79
CA LEU A 313 -27.31 23.58 3.47
C LEU A 313 -28.54 23.00 2.78
N VAL A 314 -28.87 23.56 1.63
CA VAL A 314 -30.05 23.13 0.88
C VAL A 314 -29.58 22.58 -0.45
N PRO A 315 -30.38 21.72 -1.08
CA PRO A 315 -30.05 21.30 -2.45
C PRO A 315 -29.87 22.52 -3.35
N GLU A 316 -29.00 22.36 -4.34
CA GLU A 316 -28.47 23.51 -5.06
C GLU A 316 -29.52 24.17 -5.93
N ASP A 317 -30.25 23.37 -6.72
CA ASP A 317 -31.19 23.93 -7.69
C ASP A 317 -32.31 24.72 -7.06
N GLY A 318 -32.46 24.69 -5.73
CA GLY A 318 -33.46 25.49 -5.06
C GLY A 318 -32.90 26.63 -4.23
N ILE A 319 -31.59 26.89 -4.28
CA ILE A 319 -30.98 27.86 -3.39
C ILE A 319 -31.74 29.18 -3.45
N GLY A 320 -32.06 29.65 -4.65
CA GLY A 320 -32.79 30.91 -4.77
C GLY A 320 -34.10 30.88 -3.99
N SER A 321 -34.93 29.87 -4.25
CA SER A 321 -36.20 29.76 -3.55
C SER A 321 -36.01 29.77 -2.04
N VAL A 322 -34.83 29.35 -1.56
CA VAL A 322 -34.55 29.41 -0.13
C VAL A 322 -34.28 30.85 0.29
N ILE A 323 -33.35 31.52 -0.40
CA ILE A 323 -33.00 32.88 -0.02
C ILE A 323 -34.23 33.77 -0.02
N GLU A 324 -35.12 33.56 -0.99
CA GLU A 324 -36.38 34.29 -1.04
C GLU A 324 -37.09 34.25 0.31
N VAL A 325 -37.31 33.03 0.83
CA VAL A 325 -38.04 32.91 2.08
C VAL A 325 -37.26 33.48 3.26
N LEU A 326 -35.93 33.58 3.13
CA LEU A 326 -35.11 33.95 4.27
C LEU A 326 -35.06 35.45 4.50
N GLN A 327 -35.23 36.25 3.45
CA GLN A 327 -35.18 37.71 3.60
C GLN A 327 -36.54 38.34 3.81
N ARG A 328 -37.63 37.59 3.64
CA ARG A 328 -38.93 38.07 4.08
C ARG A 328 -38.92 38.29 5.59
N ARG A 329 -38.66 37.23 6.35
CA ARG A 329 -38.57 37.31 7.80
C ARG A 329 -37.47 38.27 8.23
N MET B 7 -2.97 -12.80 -0.92
CA MET B 7 -4.35 -12.72 -1.49
C MET B 7 -5.04 -14.07 -1.42
N GLU B 8 -6.25 -14.07 -0.89
CA GLU B 8 -7.05 -15.28 -0.75
C GLU B 8 -8.13 -15.32 -1.84
N LEU B 9 -8.41 -16.52 -2.31
CA LEU B 9 -9.48 -16.76 -3.29
C LEU B 9 -10.52 -17.67 -2.66
N HIS B 10 -11.73 -17.14 -2.47
CA HIS B 10 -12.80 -17.82 -1.76
C HIS B 10 -13.83 -18.34 -2.75
N ILE B 11 -14.08 -19.65 -2.69
CA ILE B 11 -15.23 -20.28 -3.34
C ILE B 11 -16.39 -20.20 -2.37
N LEU B 12 -17.39 -19.39 -2.69
CA LEU B 12 -18.50 -19.21 -1.77
C LEU B 12 -19.52 -20.33 -1.95
N GLU B 13 -20.40 -20.45 -0.96
CA GLU B 13 -21.32 -21.59 -0.86
C GLU B 13 -22.52 -21.48 -1.79
N HIS B 14 -22.65 -20.39 -2.55
CA HIS B 14 -23.79 -20.24 -3.43
C HIS B 14 -23.68 -21.18 -4.63
N ARG B 15 -24.85 -21.63 -5.11
CA ARG B 15 -24.94 -22.47 -6.31
C ARG B 15 -25.92 -21.78 -7.25
N VAL B 16 -25.39 -21.09 -8.26
CA VAL B 16 -26.12 -20.07 -8.99
C VAL B 16 -26.65 -20.62 -10.30
N ARG B 17 -27.86 -20.19 -10.66
CA ARG B 17 -28.47 -20.44 -11.95
C ARG B 17 -28.59 -19.11 -12.69
N VAL B 18 -28.35 -19.15 -14.01
CA VAL B 18 -28.38 -17.97 -14.86
C VAL B 18 -29.56 -18.10 -15.81
N LEU B 19 -30.47 -17.14 -15.74
CA LEU B 19 -31.70 -17.13 -16.53
C LEU B 19 -31.71 -15.93 -17.47
N SER B 20 -32.45 -16.08 -18.57
CA SER B 20 -32.85 -14.96 -19.42
C SER B 20 -34.37 -14.93 -19.51
N VAL B 21 -34.96 -13.78 -19.19
CA VAL B 21 -36.39 -13.57 -19.29
C VAL B 21 -36.63 -12.59 -20.43
N ALA B 22 -37.20 -13.08 -21.53
CA ALA B 22 -37.59 -12.20 -22.62
C ALA B 22 -38.45 -11.06 -22.08
N ARG B 23 -38.32 -9.89 -22.71
CA ARG B 23 -38.98 -8.70 -22.18
C ARG B 23 -40.49 -8.86 -22.10
N PRO B 24 -41.20 -9.25 -23.16
CA PRO B 24 -42.66 -9.38 -23.07
C PRO B 24 -43.11 -10.25 -21.91
N GLY B 25 -42.25 -11.13 -21.41
CA GLY B 25 -42.61 -12.09 -20.39
C GLY B 25 -42.25 -11.71 -18.97
N LEU B 26 -41.72 -10.51 -18.73
CA LEU B 26 -41.31 -10.16 -17.38
C LEU B 26 -42.48 -10.11 -16.41
N TRP B 27 -43.68 -9.78 -16.91
CA TRP B 27 -44.82 -9.61 -16.02
C TRP B 27 -45.17 -10.92 -15.31
N LEU B 28 -45.12 -12.04 -16.04
CA LEU B 28 -45.39 -13.34 -15.43
C LEU B 28 -44.56 -13.53 -14.16
N TYR B 29 -43.32 -13.05 -14.17
CA TYR B 29 -42.38 -13.27 -13.07
C TYR B 29 -42.36 -12.12 -12.07
N THR B 30 -43.32 -11.20 -12.16
CA THR B 30 -43.37 -10.11 -11.18
C THR B 30 -43.54 -10.64 -9.77
N HIS B 31 -44.37 -11.68 -9.62
CA HIS B 31 -44.64 -12.22 -8.28
C HIS B 31 -43.37 -12.75 -7.61
N PRO B 32 -42.70 -13.77 -8.15
CA PRO B 32 -41.49 -14.26 -7.47
C PRO B 32 -40.42 -13.20 -7.32
N LEU B 33 -40.14 -12.45 -8.39
CA LEU B 33 -39.09 -11.44 -8.33
C LEU B 33 -39.34 -10.45 -7.20
N ILE B 34 -40.56 -9.89 -7.13
CA ILE B 34 -40.90 -9.01 -6.01
C ILE B 34 -40.49 -9.64 -4.69
N LYS B 35 -40.87 -10.90 -4.48
CA LYS B 35 -40.49 -11.59 -3.25
C LYS B 35 -38.98 -11.56 -3.06
N LEU B 36 -38.23 -11.95 -4.09
CA LEU B 36 -36.78 -11.98 -3.99
C LEU B 36 -36.22 -10.57 -3.79
N LEU B 37 -36.93 -9.55 -4.26
CA LEU B 37 -36.37 -8.21 -4.31
C LEU B 37 -36.60 -7.43 -3.02
N PHE B 38 -37.74 -7.64 -2.34
CA PHE B 38 -38.11 -6.82 -1.20
C PHE B 38 -38.47 -7.61 0.05
N LEU B 39 -38.58 -8.93 -0.02
CA LEU B 39 -39.00 -9.75 1.12
C LEU B 39 -37.90 -10.76 1.45
N PRO B 40 -36.95 -10.40 2.32
CA PRO B 40 -35.97 -11.40 2.79
C PRO B 40 -36.58 -12.46 3.68
N ARG B 41 -37.86 -12.34 4.03
CA ARG B 41 -38.51 -13.22 4.99
C ARG B 41 -39.38 -14.29 4.32
N ARG B 42 -39.39 -14.35 2.99
CA ARG B 42 -40.19 -15.34 2.27
C ARG B 42 -39.35 -16.14 1.27
N SER B 43 -38.03 -15.95 1.26
CA SER B 43 -37.15 -16.73 0.42
C SER B 43 -35.87 -17.01 1.19
N ARG B 44 -35.40 -18.26 1.12
CA ARG B 44 -34.14 -18.65 1.73
C ARG B 44 -32.95 -18.38 0.81
N CYS B 45 -33.14 -17.52 -0.19
CA CYS B 45 -32.09 -17.19 -1.15
C CYS B 45 -31.05 -16.28 -0.52
N LYS B 46 -29.81 -16.41 -0.98
CA LYS B 46 -28.72 -15.57 -0.52
C LYS B 46 -27.91 -14.97 -1.67
N PHE B 47 -28.25 -15.29 -2.92
CA PHE B 47 -27.60 -14.71 -4.08
C PHE B 47 -28.67 -14.42 -5.12
N PHE B 48 -28.93 -13.14 -5.36
CA PHE B 48 -29.94 -12.71 -6.33
C PHE B 48 -29.42 -11.51 -7.11
N SER B 49 -29.42 -11.63 -8.44
CA SER B 49 -29.01 -10.54 -9.32
C SER B 49 -30.00 -10.43 -10.47
N LEU B 50 -30.34 -9.20 -10.82
CA LEU B 50 -31.33 -8.91 -11.86
C LEU B 50 -30.81 -7.74 -12.67
N THR B 51 -30.53 -7.97 -13.95
CA THR B 51 -30.00 -6.97 -14.86
C THR B 51 -30.96 -6.79 -16.02
N GLU B 52 -31.46 -5.57 -16.20
CA GLU B 52 -32.27 -5.20 -17.36
C GLU B 52 -31.34 -4.74 -18.48
N THR B 53 -31.40 -5.46 -19.60
CA THR B 53 -30.69 -5.20 -20.84
C THR B 53 -31.70 -5.10 -21.98
N PRO B 54 -31.56 -4.15 -22.90
CA PRO B 54 -32.61 -3.93 -23.91
C PRO B 54 -33.14 -5.18 -24.59
N GLU B 55 -32.38 -6.27 -24.55
CA GLU B 55 -32.84 -7.54 -25.12
C GLU B 55 -33.62 -8.36 -24.10
N ASP B 56 -32.97 -8.78 -23.01
CA ASP B 56 -33.56 -9.68 -22.04
C ASP B 56 -33.39 -9.11 -20.64
N TYR B 57 -33.97 -9.81 -19.66
CA TYR B 57 -33.70 -9.58 -18.23
C TYR B 57 -32.89 -10.77 -17.74
N THR B 58 -31.61 -10.55 -17.48
CA THR B 58 -30.72 -11.61 -17.02
C THR B 58 -30.82 -11.73 -15.50
N LEU B 59 -31.00 -12.96 -15.02
CA LEU B 59 -31.08 -13.22 -13.59
C LEU B 59 -29.97 -14.20 -13.19
N MET B 60 -29.50 -14.06 -11.96
CA MET B 60 -28.52 -14.99 -11.40
C MET B 60 -28.94 -15.26 -9.96
N VAL B 61 -29.45 -16.46 -9.69
CA VAL B 61 -30.10 -16.76 -8.42
C VAL B 61 -29.63 -18.11 -7.91
N ASP B 62 -29.35 -18.18 -6.61
CA ASP B 62 -29.01 -19.48 -6.06
C ASP B 62 -30.22 -20.42 -6.13
N GLU B 63 -29.95 -21.72 -5.97
CA GLU B 63 -30.96 -22.74 -6.21
C GLU B 63 -32.25 -22.45 -5.46
N GLU B 64 -32.14 -22.09 -4.19
CA GLU B 64 -33.35 -21.86 -3.38
C GLU B 64 -34.21 -20.77 -3.97
N GLY B 65 -33.59 -19.73 -4.54
CA GLY B 65 -34.33 -18.73 -5.28
C GLY B 65 -34.77 -19.19 -6.64
N PHE B 66 -34.09 -20.20 -7.20
CA PHE B 66 -34.50 -20.73 -8.50
C PHE B 66 -35.77 -21.57 -8.40
N LYS B 67 -36.00 -22.20 -7.24
CA LYS B 67 -37.22 -22.97 -7.05
C LYS B 67 -38.47 -22.11 -7.18
N GLU B 68 -38.35 -20.79 -7.04
CA GLU B 68 -39.48 -19.88 -7.05
C GLU B 68 -39.79 -19.32 -8.44
N LEU B 69 -39.12 -19.80 -9.48
CA LEU B 69 -39.31 -19.30 -10.83
C LEU B 69 -39.95 -20.38 -11.70
N PRO B 70 -41.19 -20.25 -12.15
CA PRO B 70 -41.81 -21.31 -12.94
C PRO B 70 -41.41 -21.22 -14.40
N PRO B 71 -41.12 -22.35 -15.06
CA PRO B 71 -40.73 -22.29 -16.48
C PRO B 71 -41.79 -21.64 -17.35
N SER B 72 -41.34 -21.21 -18.52
CA SER B 72 -42.18 -20.57 -19.53
C SER B 72 -41.38 -20.48 -20.82
N GLU B 73 -42.07 -20.13 -21.91
CA GLU B 73 -41.38 -19.94 -23.18
C GLU B 73 -40.51 -18.69 -23.17
N PHE B 74 -40.77 -17.75 -22.28
CA PHE B 74 -39.95 -16.55 -22.14
C PHE B 74 -38.72 -16.78 -21.27
N LEU B 75 -38.55 -17.97 -20.72
CA LEU B 75 -37.48 -18.26 -19.77
C LEU B 75 -36.45 -19.17 -20.45
N GLN B 76 -35.18 -18.81 -20.31
CA GLN B 76 -34.08 -19.57 -20.89
C GLN B 76 -33.03 -19.82 -19.83
N VAL B 77 -32.81 -21.09 -19.50
CA VAL B 77 -31.96 -21.49 -18.38
C VAL B 77 -30.58 -21.86 -18.91
N ALA B 78 -29.54 -21.27 -18.34
CA ALA B 78 -28.19 -21.71 -18.63
C ALA B 78 -28.04 -23.17 -18.25
N GLU B 79 -27.34 -23.93 -19.09
CA GLU B 79 -27.29 -25.38 -18.90
C GLU B 79 -26.56 -25.77 -17.62
N ALA B 80 -25.60 -24.97 -17.18
CA ALA B 80 -24.70 -25.37 -16.10
C ALA B 80 -25.05 -24.67 -14.79
N THR B 81 -24.59 -25.29 -13.70
CA THR B 81 -24.58 -24.65 -12.39
C THR B 81 -23.25 -23.92 -12.22
N TRP B 82 -23.29 -22.79 -11.51
CA TRP B 82 -22.15 -21.89 -11.40
C TRP B 82 -21.74 -21.73 -9.95
N LEU B 83 -20.43 -21.54 -9.75
CA LEU B 83 -19.85 -21.30 -8.44
C LEU B 83 -19.27 -19.89 -8.40
N VAL B 84 -19.43 -19.24 -7.26
CA VAL B 84 -19.09 -17.83 -7.08
C VAL B 84 -17.73 -17.73 -6.39
N LEU B 85 -16.77 -17.17 -7.10
CA LEU B 85 -15.44 -16.87 -6.57
C LEU B 85 -15.36 -15.39 -6.23
N ASN B 86 -14.55 -15.09 -5.21
CA ASN B 86 -14.21 -13.69 -4.96
C ASN B 86 -12.87 -13.63 -4.23
N VAL B 87 -12.23 -12.48 -4.30
CA VAL B 87 -10.87 -12.31 -3.80
C VAL B 87 -10.90 -11.45 -2.55
N SER B 88 -10.01 -11.76 -1.61
CA SER B 88 -9.82 -10.96 -0.41
C SER B 88 -8.33 -10.80 -0.17
N SER B 89 -7.98 -9.90 0.74
CA SER B 89 -6.58 -9.61 1.04
C SER B 89 -6.08 -10.46 2.20
N LYS B 102 -6.32 -5.16 -11.79
CA LYS B 102 -6.56 -5.59 -10.41
C LYS B 102 -6.76 -7.11 -10.33
N ILE B 103 -7.57 -7.65 -11.25
CA ILE B 103 -8.02 -9.02 -11.15
C ILE B 103 -7.64 -9.79 -12.41
N ALA B 104 -7.55 -9.09 -13.54
CA ALA B 104 -7.26 -9.77 -14.80
C ALA B 104 -5.94 -10.52 -14.72
N ARG B 105 -4.91 -9.90 -14.13
CA ARG B 105 -3.59 -10.55 -14.06
C ARG B 105 -3.69 -11.94 -13.46
N SER B 106 -4.51 -12.09 -12.41
CA SER B 106 -4.41 -13.23 -11.53
C SER B 106 -5.60 -14.17 -11.56
N VAL B 107 -6.67 -13.83 -12.29
CA VAL B 107 -7.87 -14.66 -12.28
C VAL B 107 -8.41 -14.81 -13.70
N ILE B 108 -8.84 -13.70 -14.31
CA ILE B 108 -9.55 -13.79 -15.57
C ILE B 108 -8.63 -14.25 -16.69
N ALA B 109 -7.38 -13.77 -16.68
CA ALA B 109 -6.45 -14.14 -17.75
C ALA B 109 -5.93 -15.56 -17.54
N PRO B 110 -5.45 -15.91 -16.33
CA PRO B 110 -5.05 -17.33 -16.12
C PRO B 110 -6.15 -18.32 -16.44
N LEU B 111 -7.39 -18.02 -16.05
CA LEU B 111 -8.50 -18.91 -16.37
C LEU B 111 -8.83 -18.87 -17.87
N ALA B 112 -8.59 -17.73 -18.51
CA ALA B 112 -8.78 -17.67 -19.96
C ALA B 112 -7.80 -18.59 -20.68
N GLU B 113 -6.54 -18.58 -20.26
CA GLU B 113 -5.54 -19.46 -20.87
C GLU B 113 -6.00 -20.91 -20.88
N HIS B 114 -6.55 -21.39 -19.76
CA HIS B 114 -6.87 -22.79 -19.57
C HIS B 114 -8.30 -23.14 -19.98
N HIS B 115 -8.89 -22.41 -20.93
CA HIS B 115 -10.19 -22.76 -21.50
C HIS B 115 -11.28 -22.78 -20.41
N VAL B 116 -11.29 -21.74 -19.58
CA VAL B 116 -12.29 -21.61 -18.52
C VAL B 116 -13.06 -20.32 -18.79
N SER B 117 -14.27 -20.44 -19.29
CA SER B 117 -15.14 -19.28 -19.46
C SER B 117 -15.62 -18.79 -18.10
N VAL B 118 -15.85 -17.48 -18.01
CA VAL B 118 -16.26 -16.85 -16.75
C VAL B 118 -17.44 -15.94 -17.01
N LEU B 119 -18.26 -15.78 -15.98
CA LEU B 119 -19.14 -14.63 -15.86
C LEU B 119 -18.56 -13.74 -14.78
N MET B 120 -18.86 -12.43 -14.86
CA MET B 120 -18.33 -11.48 -13.89
C MET B 120 -19.42 -10.51 -13.47
N LEU B 121 -19.69 -10.46 -12.18
CA LEU B 121 -20.66 -9.52 -11.61
C LEU B 121 -19.93 -8.68 -10.57
N SER B 122 -19.46 -7.50 -10.99
CA SER B 122 -18.95 -6.53 -10.06
C SER B 122 -20.10 -5.85 -9.33
N THR B 123 -19.95 -5.69 -8.02
CA THR B 123 -20.95 -5.02 -7.20
C THR B 123 -20.27 -3.90 -6.43
N TYR B 124 -21.10 -3.11 -5.75
CA TYR B 124 -20.58 -2.04 -4.91
C TYR B 124 -19.67 -2.59 -3.81
N GLN B 125 -19.98 -3.79 -3.31
CA GLN B 125 -19.26 -4.36 -2.18
C GLN B 125 -18.00 -5.09 -2.62
N THR B 126 -18.09 -5.93 -3.65
CA THR B 126 -16.97 -6.76 -4.07
C THR B 126 -17.17 -7.15 -5.52
N ASP B 127 -16.19 -7.87 -6.07
CA ASP B 127 -16.20 -8.30 -7.47
C ASP B 127 -16.37 -9.81 -7.52
N PHE B 128 -17.46 -10.26 -8.12
CA PHE B 128 -17.79 -11.68 -8.17
C PHE B 128 -17.39 -12.28 -9.51
N ILE B 129 -16.85 -13.49 -9.46
CA ILE B 129 -16.37 -14.20 -10.65
C ILE B 129 -16.99 -15.59 -10.63
N LEU B 130 -17.92 -15.84 -11.54
CA LEU B 130 -18.65 -17.10 -11.57
C LEU B 130 -18.05 -18.03 -12.61
N VAL B 131 -17.85 -19.29 -12.23
CA VAL B 131 -17.36 -20.32 -13.14
C VAL B 131 -18.22 -21.57 -13.01
N ARG B 132 -18.53 -22.18 -14.15
CA ARG B 132 -19.27 -23.44 -14.16
C ARG B 132 -18.62 -24.43 -13.19
N GLU B 133 -19.46 -25.24 -12.54
CA GLU B 133 -18.94 -26.16 -11.53
C GLU B 133 -17.94 -27.14 -12.12
N GLN B 134 -18.16 -27.58 -13.35
CA GLN B 134 -17.29 -28.56 -13.98
C GLN B 134 -15.85 -28.05 -14.17
N ASP B 135 -15.62 -26.76 -14.01
CA ASP B 135 -14.29 -26.18 -14.11
C ASP B 135 -13.59 -26.05 -12.75
N LEU B 136 -14.25 -26.48 -11.67
CA LEU B 136 -13.69 -26.34 -10.32
C LEU B 136 -12.25 -26.83 -10.28
N SER B 137 -12.05 -28.13 -10.45
CA SER B 137 -10.73 -28.73 -10.46
C SER B 137 -9.74 -27.87 -11.24
N VAL B 138 -10.19 -27.34 -12.37
CA VAL B 138 -9.32 -26.55 -13.23
C VAL B 138 -8.95 -25.23 -12.55
N VAL B 139 -9.95 -24.44 -12.17
CA VAL B 139 -9.68 -23.08 -11.68
C VAL B 139 -8.71 -23.15 -10.50
N ILE B 140 -8.96 -24.05 -9.56
CA ILE B 140 -8.04 -24.25 -8.44
C ILE B 140 -6.64 -24.51 -8.96
N HIS B 141 -6.50 -25.55 -9.79
CA HIS B 141 -5.20 -25.86 -10.39
C HIS B 141 -4.59 -24.63 -11.05
N THR B 142 -5.43 -23.79 -11.66
CA THR B 142 -4.91 -22.63 -12.37
C THR B 142 -4.46 -21.52 -11.42
N LEU B 143 -5.09 -21.41 -10.26
CA LEU B 143 -4.83 -20.31 -9.35
C LEU B 143 -4.31 -20.75 -7.98
N ALA B 144 -4.07 -22.05 -7.78
CA ALA B 144 -3.63 -22.52 -6.48
C ALA B 144 -2.24 -22.02 -6.11
N GLN B 145 -1.46 -21.55 -7.09
CA GLN B 145 -0.09 -21.14 -6.83
C GLN B 145 0.00 -19.68 -6.42
N GLU B 146 -0.74 -18.79 -7.08
CA GLU B 146 -0.70 -17.38 -6.75
C GLU B 146 -1.61 -17.05 -5.57
N PHE B 147 -2.70 -17.80 -5.40
CA PHE B 147 -3.66 -17.56 -4.33
C PHE B 147 -3.68 -18.72 -3.34
N ASP B 148 -3.80 -18.38 -2.06
CA ASP B 148 -4.29 -19.33 -1.07
C ASP B 148 -5.80 -19.44 -1.24
N ILE B 149 -6.29 -20.64 -1.51
CA ILE B 149 -7.68 -20.85 -1.90
C ILE B 149 -8.44 -21.45 -0.72
N TYR B 150 -9.60 -20.87 -0.42
CA TYR B 150 -10.50 -21.35 0.61
C TYR B 150 -11.86 -21.66 -0.01
N ARG B 151 -12.66 -22.43 0.72
CA ARG B 151 -14.01 -22.72 0.31
C ARG B 151 -14.93 -22.61 1.51
N GLU B 152 -16.08 -21.95 1.31
CA GLU B 152 -17.06 -21.80 2.37
C GLU B 152 -17.72 -23.13 2.66
N VAL B 153 -17.15 -23.88 3.60
CA VAL B 153 -17.75 -25.11 4.11
C VAL B 153 -18.44 -24.77 5.43
N GLY B 154 -19.64 -25.30 5.62
CA GLY B 154 -20.48 -24.81 6.69
C GLY B 154 -20.71 -23.33 6.51
N GLY B 155 -20.13 -22.51 7.38
CA GLY B 155 -20.19 -21.07 7.21
C GLY B 155 -18.82 -20.43 7.26
N GLU B 156 -17.77 -21.22 7.10
CA GLU B 156 -16.41 -20.73 7.29
C GLU B 156 -15.54 -21.06 6.09
N PRO B 157 -14.50 -20.27 5.84
CA PRO B 157 -13.58 -20.58 4.75
C PRO B 157 -12.52 -21.57 5.16
N VAL B 158 -12.35 -22.65 4.40
CA VAL B 158 -11.41 -23.71 4.77
C VAL B 158 -10.46 -23.95 3.61
N PRO B 159 -9.15 -24.15 3.85
CA PRO B 159 -8.23 -24.40 2.74
C PRO B 159 -8.66 -25.56 1.84
N VAL B 160 -7.94 -25.72 0.73
CA VAL B 160 -8.26 -26.75 -0.26
C VAL B 160 -7.04 -27.65 -0.40
N THR B 161 -7.30 -28.91 -0.80
CA THR B 161 -6.28 -29.94 -0.89
C THR B 161 -4.96 -29.40 -1.45
N ARG B 162 -4.91 -29.10 -2.74
CA ARG B 162 -3.70 -28.63 -3.40
C ARG B 162 -2.49 -29.47 -3.01
N PRO B 182 -16.86 -6.48 -31.39
CA PRO B 182 -17.23 -5.13 -31.84
C PRO B 182 -17.70 -4.24 -30.69
N ILE B 183 -16.82 -3.31 -30.28
CA ILE B 183 -17.13 -2.43 -29.15
C ILE B 183 -18.31 -1.53 -29.50
N GLN B 184 -19.10 -1.21 -28.49
CA GLN B 184 -20.16 -0.21 -28.63
C GLN B 184 -20.42 0.39 -27.26
N SER B 185 -20.27 1.72 -27.15
CA SER B 185 -20.39 2.42 -25.87
C SER B 185 -21.47 3.50 -25.96
N PRO B 186 -22.68 3.23 -25.47
CA PRO B 186 -23.65 4.31 -25.27
C PRO B 186 -23.04 5.50 -24.55
N GLN B 187 -23.74 6.63 -24.53
CA GLN B 187 -23.26 7.83 -23.86
C GLN B 187 -23.93 8.05 -22.50
N ASN B 188 -24.64 7.05 -21.99
CA ASN B 188 -25.31 7.18 -20.71
C ASN B 188 -24.29 7.28 -19.59
N ARG B 189 -24.55 8.18 -18.63
CA ARG B 189 -23.66 8.39 -17.49
C ARG B 189 -24.21 7.57 -16.33
N PHE B 190 -23.67 6.37 -16.15
CA PHE B 190 -24.19 5.42 -15.18
C PHE B 190 -23.63 5.70 -13.79
N CYS B 191 -24.26 5.07 -12.79
CA CYS B 191 -23.94 5.27 -11.39
C CYS B 191 -23.92 3.92 -10.69
N VAL B 192 -23.04 3.79 -9.71
CA VAL B 192 -22.84 2.56 -8.94
C VAL B 192 -23.14 2.90 -7.49
N LEU B 193 -24.31 2.49 -7.01
CA LEU B 193 -24.82 2.88 -5.70
C LEU B 193 -25.07 1.66 -4.83
N THR B 194 -25.15 1.91 -3.53
CA THR B 194 -25.61 0.93 -2.56
C THR B 194 -26.81 1.53 -1.81
N LEU B 195 -27.25 0.84 -0.76
CA LEU B 195 -28.44 1.27 -0.04
C LEU B 195 -28.61 0.43 1.22
N ASP B 196 -29.00 1.07 2.30
CA ASP B 196 -29.26 0.37 3.54
C ASP B 196 -30.48 -0.52 3.37
N PRO B 197 -30.40 -1.83 3.61
CA PRO B 197 -31.56 -2.69 3.37
C PRO B 197 -32.81 -2.26 4.13
N GLU B 198 -32.65 -1.65 5.32
CA GLU B 198 -33.84 -1.24 6.07
C GLU B 198 -34.56 -0.07 5.40
N THR B 199 -33.91 0.61 4.47
CA THR B 199 -34.53 1.71 3.73
C THR B 199 -35.00 1.29 2.34
N LEU B 200 -34.74 0.06 1.93
CA LEU B 200 -35.24 -0.42 0.65
C LEU B 200 -36.75 -0.28 0.51
N PRO B 201 -37.56 -0.58 1.54
CA PRO B 201 -38.99 -0.27 1.45
C PRO B 201 -39.29 1.14 0.99
N ALA B 202 -38.47 2.12 1.40
CA ALA B 202 -38.74 3.51 1.05
C ALA B 202 -38.72 3.73 -0.44
N ILE B 203 -37.90 2.97 -1.18
CA ILE B 203 -37.80 3.12 -2.63
C ILE B 203 -38.57 2.04 -3.37
N ALA B 204 -39.16 1.07 -2.66
CA ALA B 204 -39.85 -0.03 -3.32
C ALA B 204 -40.73 0.41 -4.48
N THR B 205 -41.62 1.38 -4.26
CA THR B 205 -42.56 1.79 -5.31
C THR B 205 -41.81 2.26 -6.56
N THR B 206 -40.85 3.16 -6.40
CA THR B 206 -40.09 3.67 -7.54
C THR B 206 -39.35 2.54 -8.25
N LEU B 207 -38.69 1.68 -7.47
CA LEU B 207 -37.90 0.61 -8.06
C LEU B 207 -38.77 -0.33 -8.88
N ILE B 208 -39.91 -0.75 -8.31
CA ILE B 208 -40.85 -1.56 -9.06
C ILE B 208 -41.24 -0.86 -10.36
N ASP B 209 -41.56 0.43 -10.27
CA ASP B 209 -41.92 1.19 -11.46
C ASP B 209 -40.82 1.09 -12.52
N VAL B 210 -39.57 1.24 -12.10
CA VAL B 210 -38.45 1.20 -13.06
C VAL B 210 -38.35 -0.18 -13.69
N LEU B 211 -38.48 -1.23 -12.89
CA LEU B 211 -38.19 -2.58 -13.38
C LEU B 211 -39.31 -3.12 -14.25
N PHE B 212 -40.53 -3.18 -13.72
CA PHE B 212 -41.58 -3.94 -14.39
C PHE B 212 -42.46 -3.10 -15.31
N TYR B 213 -42.57 -1.81 -15.09
CA TYR B 213 -43.59 -1.00 -15.75
C TYR B 213 -43.06 0.04 -16.72
N SER B 214 -41.81 0.48 -16.57
CA SER B 214 -41.26 1.46 -17.49
C SER B 214 -40.84 0.79 -18.79
N SER B 229 -27.05 7.93 -28.80
CA SER B 229 -26.99 6.50 -28.49
C SER B 229 -27.18 6.29 -27.00
N SER B 230 -28.39 5.84 -26.62
CA SER B 230 -28.73 5.60 -25.22
C SER B 230 -29.21 4.16 -25.06
N ILE B 231 -28.82 3.54 -23.95
CA ILE B 231 -29.13 2.14 -23.70
C ILE B 231 -29.98 2.04 -22.43
N THR B 232 -30.86 1.03 -22.42
CA THR B 232 -31.72 0.77 -21.27
C THR B 232 -31.04 -0.30 -20.42
N PHE B 233 -30.04 0.13 -19.66
CA PHE B 233 -29.29 -0.76 -18.77
C PHE B 233 -29.64 -0.41 -17.33
N PHE B 234 -30.09 -1.41 -16.57
CA PHE B 234 -30.38 -1.25 -15.16
C PHE B 234 -29.89 -2.49 -14.45
N ALA B 235 -29.55 -2.37 -13.17
CA ALA B 235 -29.09 -3.55 -12.44
C ALA B 235 -29.36 -3.39 -10.96
N PHE B 236 -29.99 -4.42 -10.38
CA PHE B 236 -30.13 -4.55 -8.94
C PHE B 236 -29.57 -5.90 -8.53
N SER B 237 -28.98 -5.93 -7.33
CA SER B 237 -28.49 -7.19 -6.79
C SER B 237 -28.59 -7.15 -5.28
N LEU B 238 -29.01 -8.27 -4.71
CA LEU B 238 -28.96 -8.51 -3.28
C LEU B 238 -28.21 -9.81 -3.06
N ILE B 239 -27.08 -9.73 -2.37
CA ILE B 239 -26.20 -10.89 -2.17
C ILE B 239 -25.73 -10.85 -0.73
N GLU B 240 -26.01 -11.93 0.02
CA GLU B 240 -25.65 -12.02 1.43
C GLU B 240 -26.00 -10.74 2.18
N GLY B 241 -27.24 -10.29 1.96
CA GLY B 241 -27.75 -9.12 2.66
C GLY B 241 -27.12 -7.80 2.28
N TYR B 242 -26.52 -7.70 1.09
CA TYR B 242 -25.90 -6.48 0.62
C TYR B 242 -26.47 -6.11 -0.74
N ILE B 243 -26.78 -4.83 -0.92
CA ILE B 243 -27.51 -4.34 -2.10
C ILE B 243 -26.56 -3.52 -2.96
N SER B 244 -26.60 -3.77 -4.27
CA SER B 244 -25.86 -2.97 -5.24
C SER B 244 -26.78 -2.63 -6.40
N ILE B 245 -26.71 -1.39 -6.88
CA ILE B 245 -27.56 -0.94 -7.97
C ILE B 245 -26.71 -0.16 -8.96
N VAL B 246 -26.74 -0.56 -10.22
CA VAL B 246 -26.18 0.22 -11.32
C VAL B 246 -27.35 0.87 -12.06
N MET B 247 -27.24 2.16 -12.31
CA MET B 247 -28.42 2.93 -12.73
C MET B 247 -27.99 4.17 -13.49
N ASP B 248 -28.64 4.43 -14.63
CA ASP B 248 -28.38 5.64 -15.39
C ASP B 248 -28.78 6.87 -14.59
N ALA B 249 -28.05 7.97 -14.80
CA ALA B 249 -28.40 9.24 -14.15
C ALA B 249 -29.81 9.67 -14.51
N GLU B 250 -30.25 9.37 -15.73
CA GLU B 250 -31.62 9.69 -16.13
C GLU B 250 -32.63 9.02 -15.22
N THR B 251 -32.30 7.84 -14.69
CA THR B 251 -33.20 7.06 -13.86
C THR B 251 -33.06 7.38 -12.37
N GLN B 252 -31.98 8.08 -11.97
CA GLN B 252 -31.74 8.33 -10.56
C GLN B 252 -32.52 9.52 -10.02
N LYS B 253 -32.96 10.43 -10.89
CA LYS B 253 -33.84 11.50 -10.44
C LYS B 253 -35.21 10.98 -10.01
N LYS B 254 -35.59 9.79 -10.49
CA LYS B 254 -36.89 9.23 -10.15
C LYS B 254 -36.96 8.73 -8.72
N PHE B 255 -35.81 8.51 -8.07
CA PHE B 255 -35.81 7.92 -6.74
C PHE B 255 -35.81 8.99 -5.66
N PRO B 256 -36.31 8.68 -4.47
CA PRO B 256 -36.25 9.65 -3.37
C PRO B 256 -34.81 10.03 -3.05
N SER B 257 -34.64 11.27 -2.59
CA SER B 257 -33.32 11.80 -2.31
C SER B 257 -32.81 11.32 -0.96
N ASP B 258 -31.50 11.38 -0.79
CA ASP B 258 -30.83 11.14 0.49
C ASP B 258 -30.94 9.70 0.98
N LEU B 259 -31.19 8.74 0.09
CA LEU B 259 -31.33 7.35 0.52
C LEU B 259 -30.37 6.42 -0.22
N LEU B 260 -29.99 6.78 -1.44
CA LEU B 260 -29.00 6.00 -2.17
C LEU B 260 -27.60 6.55 -1.86
N LEU B 261 -26.60 5.69 -1.98
CA LEU B 261 -25.23 6.04 -1.59
C LEU B 261 -24.27 5.59 -2.69
N THR B 262 -23.54 6.55 -3.27
CA THR B 262 -22.52 6.28 -4.27
C THR B 262 -21.17 6.79 -3.77
N SER B 263 -20.11 6.20 -4.33
CA SER B 263 -18.75 6.65 -4.07
C SER B 263 -18.31 7.48 -5.28
N SER B 264 -18.72 8.74 -5.29
CA SER B 264 -18.53 9.61 -6.43
C SER B 264 -17.88 10.92 -6.02
N SER B 265 -17.31 11.61 -7.00
CA SER B 265 -16.70 12.91 -6.80
C SER B 265 -17.10 13.88 -7.91
N GLY B 266 -18.30 13.70 -8.46
CA GLY B 266 -18.74 14.42 -9.62
C GLY B 266 -18.40 13.75 -10.94
N GLU B 267 -17.81 12.56 -10.90
CA GLU B 267 -17.42 11.82 -12.10
C GLU B 267 -18.17 10.49 -12.09
N LEU B 268 -19.11 10.33 -13.01
CA LEU B 268 -19.93 9.14 -13.07
C LEU B 268 -19.26 8.08 -13.95
N TRP B 269 -20.00 7.04 -14.32
CA TRP B 269 -19.46 5.88 -15.02
C TRP B 269 -20.06 5.78 -16.41
N ARG B 270 -19.19 5.67 -17.41
CA ARG B 270 -19.59 5.41 -18.78
C ARG B 270 -19.36 3.95 -19.11
N MET B 271 -20.13 3.42 -20.05
CA MET B 271 -20.23 1.98 -20.26
C MET B 271 -19.65 1.56 -21.61
N VAL B 272 -18.95 0.43 -21.60
CA VAL B 272 -18.57 -0.31 -22.80
C VAL B 272 -19.29 -1.64 -22.75
N ARG B 273 -19.57 -2.22 -23.91
CA ARG B 273 -20.27 -3.50 -23.93
C ARG B 273 -19.98 -4.23 -25.24
N ILE B 274 -19.79 -5.54 -25.14
CA ILE B 274 -19.58 -6.38 -26.31
C ILE B 274 -20.44 -7.62 -26.15
N GLY B 275 -20.66 -8.31 -27.26
CA GLY B 275 -21.36 -9.57 -27.19
C GLY B 275 -22.14 -9.84 -28.46
N GLY B 276 -23.21 -10.62 -28.31
CA GLY B 276 -23.95 -11.15 -29.43
C GLY B 276 -23.95 -12.67 -29.38
N GLN B 277 -24.03 -13.21 -28.16
CA GLN B 277 -23.98 -14.65 -27.95
C GLN B 277 -25.16 -15.10 -27.10
N PRO B 278 -25.14 -16.36 -26.66
CA PRO B 278 -26.19 -16.89 -25.79
C PRO B 278 -25.58 -17.60 -24.59
N GLY B 285 -19.14 -15.09 -22.92
CA GLY B 285 -18.17 -14.77 -21.88
C GLY B 285 -16.76 -14.59 -22.43
N ILE B 286 -16.44 -13.37 -22.83
CA ILE B 286 -15.12 -13.00 -23.31
C ILE B 286 -14.51 -11.89 -22.45
N VAL B 287 -14.83 -11.89 -21.16
CA VAL B 287 -14.40 -10.82 -20.27
C VAL B 287 -12.89 -10.62 -20.28
N ALA B 288 -12.13 -11.63 -20.68
CA ALA B 288 -10.67 -11.49 -20.73
C ALA B 288 -10.26 -10.44 -21.76
N GLN B 289 -10.87 -10.47 -22.95
CA GLN B 289 -10.52 -9.51 -23.99
C GLN B 289 -10.65 -8.07 -23.51
N ILE B 290 -11.53 -7.83 -22.54
CA ILE B 290 -11.75 -6.48 -22.02
C ILE B 290 -10.81 -6.23 -20.85
N ALA B 291 -10.95 -7.04 -19.79
CA ALA B 291 -10.22 -6.79 -18.56
C ALA B 291 -8.71 -6.90 -18.73
N GLY B 292 -8.24 -7.55 -19.78
CA GLY B 292 -6.82 -7.65 -20.04
C GLY B 292 -6.21 -6.31 -20.35
N PRO B 293 -6.56 -5.74 -21.51
CA PRO B 293 -5.98 -4.44 -21.90
C PRO B 293 -6.35 -3.30 -20.98
N LEU B 294 -7.44 -3.41 -20.22
CA LEU B 294 -7.78 -2.35 -19.26
C LEU B 294 -6.97 -2.49 -17.99
N ALA B 295 -6.72 -3.73 -17.54
CA ALA B 295 -5.76 -3.93 -16.46
C ALA B 295 -4.37 -3.48 -16.88
N ALA B 296 -4.05 -3.59 -18.17
CA ALA B 296 -2.77 -3.09 -18.66
C ALA B 296 -2.67 -1.58 -18.48
N ALA B 297 -3.77 -0.86 -18.66
CA ALA B 297 -3.79 0.58 -18.50
C ALA B 297 -4.04 1.01 -17.05
N ASP B 298 -4.24 0.06 -16.14
CA ASP B 298 -4.44 0.37 -14.71
C ASP B 298 -5.70 1.19 -14.49
N ILE B 299 -6.72 0.93 -15.29
CA ILE B 299 -8.00 1.63 -15.19
C ILE B 299 -8.98 0.81 -14.36
N SER B 300 -9.62 1.46 -13.38
CA SER B 300 -10.66 0.81 -12.62
C SER B 300 -11.86 0.50 -13.53
N ALA B 301 -12.50 -0.64 -13.29
CA ALA B 301 -13.59 -1.05 -14.16
C ALA B 301 -14.50 -2.02 -13.43
N TYR B 302 -15.80 -1.77 -13.49
CA TYR B 302 -16.81 -2.75 -13.11
C TYR B 302 -17.10 -3.66 -14.30
N TYR B 303 -17.53 -4.88 -14.00
CA TYR B 303 -17.79 -5.88 -15.02
C TYR B 303 -19.10 -6.58 -14.68
N ILE B 304 -20.10 -6.42 -15.56
CA ILE B 304 -21.39 -7.07 -15.40
C ILE B 304 -21.63 -7.89 -16.66
N SER B 305 -21.56 -9.22 -16.54
CA SER B 305 -21.94 -10.09 -17.63
C SER B 305 -23.44 -10.33 -17.60
N THR B 306 -24.02 -10.46 -18.80
CA THR B 306 -25.43 -10.79 -18.96
C THR B 306 -25.54 -11.96 -19.94
N PHE B 307 -26.77 -12.44 -20.13
CA PHE B 307 -26.96 -13.71 -20.83
C PHE B 307 -26.37 -13.67 -22.23
N ASN B 308 -26.45 -12.52 -22.91
CA ASN B 308 -25.98 -12.41 -24.29
C ASN B 308 -24.88 -11.40 -24.48
N PHE B 309 -24.63 -10.50 -23.52
CA PHE B 309 -23.61 -9.48 -23.64
C PHE B 309 -22.82 -9.39 -22.35
N ASP B 310 -21.69 -8.70 -22.42
CA ASP B 310 -20.88 -8.38 -21.26
C ASP B 310 -20.56 -6.90 -21.27
N HIS B 311 -20.57 -6.30 -20.09
CA HIS B 311 -20.50 -4.86 -19.92
C HIS B 311 -19.36 -4.51 -18.98
N ALA B 312 -18.68 -3.41 -19.28
CA ALA B 312 -17.57 -2.92 -18.48
C ALA B 312 -17.78 -1.42 -18.25
N LEU B 313 -18.03 -1.04 -17.00
CA LEU B 313 -18.24 0.36 -16.64
C LEU B 313 -16.90 0.95 -16.20
N VAL B 314 -16.47 1.99 -16.90
CA VAL B 314 -15.22 2.68 -16.59
C VAL B 314 -15.57 4.10 -16.19
N PRO B 315 -14.68 4.79 -15.48
CA PRO B 315 -14.97 6.19 -15.14
C PRO B 315 -14.99 7.06 -16.38
N GLU B 316 -15.97 7.97 -16.43
CA GLU B 316 -16.32 8.62 -17.69
C GLU B 316 -15.17 9.44 -18.27
N ASP B 317 -14.41 10.12 -17.41
CA ASP B 317 -13.37 11.02 -17.92
C ASP B 317 -12.45 10.33 -18.91
N GLY B 318 -12.02 9.10 -18.60
CA GLY B 318 -11.10 8.39 -19.46
C GLY B 318 -11.77 7.44 -20.43
N ILE B 319 -13.07 7.62 -20.66
CA ILE B 319 -13.82 6.70 -21.52
C ILE B 319 -13.08 6.47 -22.82
N GLY B 320 -12.65 7.56 -23.48
CA GLY B 320 -11.95 7.42 -24.74
C GLY B 320 -10.69 6.60 -24.59
N SER B 321 -9.86 6.95 -23.61
CA SER B 321 -8.64 6.19 -23.35
C SER B 321 -8.93 4.70 -23.21
N VAL B 322 -10.12 4.35 -22.72
CA VAL B 322 -10.48 2.95 -22.60
C VAL B 322 -10.76 2.35 -23.97
N ILE B 323 -11.62 3.00 -24.76
CA ILE B 323 -12.03 2.42 -26.02
C ILE B 323 -10.88 2.40 -27.01
N GLU B 324 -9.94 3.33 -26.87
CA GLU B 324 -8.69 3.25 -27.62
C GLU B 324 -7.96 1.95 -27.31
N VAL B 325 -7.88 1.60 -26.01
CA VAL B 325 -7.12 0.42 -25.61
C VAL B 325 -7.75 -0.86 -26.12
N LEU B 326 -9.07 -0.86 -26.33
CA LEU B 326 -9.78 -2.07 -26.74
C LEU B 326 -9.56 -2.43 -28.22
N GLN B 327 -8.53 -1.89 -28.86
CA GLN B 327 -8.18 -2.25 -30.24
C GLN B 327 -6.72 -2.66 -30.32
N MET C 6 40.98 6.63 -5.89
CA MET C 6 40.14 5.61 -6.60
C MET C 6 38.67 5.79 -6.24
N MET C 7 38.29 5.31 -5.06
CA MET C 7 36.93 5.50 -4.56
C MET C 7 36.64 6.99 -4.44
N GLU C 8 35.44 7.35 -3.99
CA GLU C 8 35.03 8.75 -3.97
C GLU C 8 34.28 9.05 -2.68
N LEU C 9 34.50 10.24 -2.14
CA LEU C 9 33.75 10.73 -0.99
C LEU C 9 33.13 12.08 -1.35
N HIS C 10 31.81 12.16 -1.31
CA HIS C 10 31.07 13.33 -1.77
C HIS C 10 30.56 14.12 -0.57
N ILE C 11 30.69 15.44 -0.65
CA ILE C 11 30.11 16.37 0.30
C ILE C 11 28.85 16.97 -0.33
N LEU C 12 27.73 16.85 0.38
CA LEU C 12 26.43 17.19 -0.19
C LEU C 12 25.93 18.51 0.38
N GLU C 13 24.86 19.02 -0.25
CA GLU C 13 24.41 20.40 -0.03
C GLU C 13 23.86 20.60 1.37
N HIS C 14 23.32 19.56 2.00
CA HIS C 14 22.51 19.73 3.20
C HIS C 14 23.29 20.45 4.29
N ARG C 15 22.64 21.42 4.94
CA ARG C 15 23.15 22.10 6.12
C ARG C 15 22.29 21.64 7.30
N VAL C 16 22.77 20.64 8.03
CA VAL C 16 21.96 19.92 9.00
C VAL C 16 22.13 20.54 10.39
N ARG C 17 21.02 20.57 11.13
CA ARG C 17 21.00 20.96 12.53
C ARG C 17 20.53 19.77 13.36
N VAL C 18 21.11 19.63 14.55
CA VAL C 18 20.85 18.51 15.46
C VAL C 18 20.10 19.04 16.67
N LEU C 19 18.92 18.46 16.93
CA LEU C 19 18.05 18.86 18.02
C LEU C 19 17.78 17.67 18.94
N SER C 20 17.45 18.00 20.18
CA SER C 20 17.00 17.03 21.17
C SER C 20 15.68 17.55 21.75
N VAL C 21 14.58 16.91 21.37
CA VAL C 21 13.26 17.23 21.92
C VAL C 21 12.99 16.24 23.04
N ALA C 22 12.78 16.75 24.25
CA ALA C 22 12.44 15.89 25.37
C ALA C 22 11.14 15.14 25.07
N ARG C 23 11.02 13.95 25.65
CA ARG C 23 9.82 13.13 25.42
C ARG C 23 8.56 13.85 25.86
N PRO C 24 8.41 14.28 27.12
CA PRO C 24 7.19 14.99 27.52
C PRO C 24 6.86 16.21 26.66
N GLY C 25 7.78 16.69 25.81
CA GLY C 25 7.52 17.86 25.00
C GLY C 25 7.22 17.53 23.55
N LEU C 26 7.40 16.28 23.14
CA LEU C 26 7.25 15.91 21.74
C LEU C 26 5.94 16.43 21.17
N TRP C 27 4.88 16.43 21.97
CA TRP C 27 3.56 16.78 21.43
C TRP C 27 3.51 18.23 20.97
N LEU C 28 4.23 19.13 21.64
CA LEU C 28 4.29 20.52 21.18
C LEU C 28 4.82 20.65 19.76
N TYR C 29 5.38 19.58 19.19
CA TYR C 29 5.91 19.61 17.84
C TYR C 29 5.18 18.66 16.90
N THR C 30 3.99 18.21 17.28
CA THR C 30 3.21 17.36 16.40
C THR C 30 2.93 18.05 15.07
N HIS C 31 2.54 19.32 15.11
CA HIS C 31 2.24 20.07 13.90
C HIS C 31 3.46 20.19 12.99
N PRO C 32 4.62 20.69 13.44
CA PRO C 32 5.79 20.76 12.56
C PRO C 32 6.22 19.42 12.00
N LEU C 33 6.57 18.48 12.88
CA LEU C 33 7.14 17.21 12.44
C LEU C 33 6.25 16.51 11.42
N ILE C 34 4.94 16.51 11.65
CA ILE C 34 4.02 15.87 10.71
C ILE C 34 4.17 16.47 9.32
N LYS C 35 4.25 17.80 9.23
CA LYS C 35 4.49 18.44 7.94
C LYS C 35 5.72 17.85 7.27
N LEU C 36 6.80 17.69 8.05
CA LEU C 36 8.04 17.16 7.50
C LEU C 36 7.92 15.67 7.20
N LEU C 37 7.03 14.97 7.90
CA LEU C 37 6.95 13.52 7.77
C LEU C 37 6.12 13.10 6.56
N PHE C 38 4.92 13.66 6.42
CA PHE C 38 3.93 13.14 5.48
C PHE C 38 3.55 14.07 4.34
N LEU C 39 3.94 15.35 4.40
CA LEU C 39 3.46 16.35 3.44
C LEU C 39 4.65 16.93 2.69
N PRO C 40 5.15 16.23 1.68
CA PRO C 40 6.28 16.77 0.91
C PRO C 40 6.03 18.15 0.33
N ARG C 41 4.80 18.44 -0.08
CA ARG C 41 4.50 19.65 -0.83
C ARG C 41 4.34 20.89 0.04
N ARG C 42 4.72 20.84 1.31
CA ARG C 42 4.59 21.99 2.20
C ARG C 42 5.90 22.42 2.84
N SER C 43 6.96 21.63 2.73
CA SER C 43 8.27 21.99 3.27
C SER C 43 9.33 21.63 2.25
N ARG C 44 10.21 22.60 1.96
CA ARG C 44 11.32 22.38 1.06
C ARG C 44 12.44 21.53 1.67
N CYS C 45 12.27 21.09 2.92
CA CYS C 45 13.27 20.26 3.57
C CYS C 45 13.63 19.08 2.69
N LYS C 46 14.92 18.73 2.68
CA LYS C 46 15.42 17.59 1.92
C LYS C 46 16.14 16.57 2.77
N PHE C 47 16.43 16.88 4.04
CA PHE C 47 17.12 15.97 4.95
C PHE C 47 16.33 15.97 6.25
N PHE C 48 15.61 14.87 6.50
CA PHE C 48 14.81 14.74 7.73
C PHE C 48 15.14 13.41 8.39
N SER C 49 15.66 13.47 9.61
CA SER C 49 15.96 12.30 10.40
C SER C 49 15.35 12.45 11.79
N LEU C 50 14.64 11.42 12.23
CA LEU C 50 13.89 11.43 13.49
C LEU C 50 14.19 10.12 14.21
N THR C 51 14.70 10.22 15.43
CA THR C 51 15.05 9.04 16.21
C THR C 51 14.46 9.15 17.61
N GLU C 52 13.92 8.03 18.09
CA GLU C 52 13.31 7.93 19.40
C GLU C 52 14.14 7.01 20.27
N THR C 53 14.61 7.51 21.40
CA THR C 53 15.37 6.75 22.38
C THR C 53 14.85 7.07 23.77
N PRO C 54 15.08 6.18 24.74
CA PRO C 54 14.54 6.41 26.09
C PRO C 54 14.97 7.73 26.72
N GLU C 55 15.95 8.42 26.13
CA GLU C 55 16.37 9.71 26.66
C GLU C 55 15.60 10.87 26.05
N ASP C 56 15.23 10.76 24.77
CA ASP C 56 14.58 11.86 24.07
C ASP C 56 14.32 11.50 22.62
N TYR C 57 13.94 12.49 21.82
CA TYR C 57 13.79 12.34 20.38
C TYR C 57 14.83 13.25 19.72
N THR C 58 15.81 12.62 19.05
CA THR C 58 16.86 13.36 18.37
C THR C 58 16.48 13.59 16.92
N LEU C 59 16.58 14.84 16.49
CA LEU C 59 16.19 15.22 15.13
C LEU C 59 17.37 15.82 14.40
N MET C 60 17.46 15.53 13.10
CA MET C 60 18.43 16.18 12.22
C MET C 60 17.66 16.72 11.03
N VAL C 61 17.74 18.04 10.81
CA VAL C 61 16.95 18.69 9.76
C VAL C 61 17.78 19.78 9.10
N ASP C 62 17.60 19.94 7.79
CA ASP C 62 18.26 21.04 7.11
C ASP C 62 17.69 22.38 7.60
N GLU C 63 18.29 23.47 7.13
CA GLU C 63 17.93 24.79 7.64
C GLU C 63 16.49 25.16 7.29
N GLU C 64 15.96 24.63 6.18
CA GLU C 64 14.60 24.96 5.79
C GLU C 64 13.56 24.25 6.66
N GLY C 65 13.84 23.01 7.04
CA GLY C 65 13.01 22.31 8.00
C GLY C 65 13.26 22.68 9.43
N PHE C 66 14.22 23.58 9.67
CA PHE C 66 14.55 24.03 11.03
C PHE C 66 13.78 25.27 11.43
N LYS C 67 13.39 26.11 10.47
CA LYS C 67 12.63 27.32 10.75
C LYS C 67 11.19 27.03 11.17
N GLU C 68 10.79 25.76 11.19
CA GLU C 68 9.44 25.37 11.58
C GLU C 68 9.40 24.70 12.95
N LEU C 69 10.48 24.78 13.72
CA LEU C 69 10.53 24.20 15.07
C LEU C 69 10.79 25.31 16.08
N PRO C 70 9.75 25.82 16.74
CA PRO C 70 9.98 26.94 17.66
C PRO C 70 10.91 26.53 18.77
N PRO C 71 11.61 27.48 19.38
CA PRO C 71 12.40 27.15 20.57
C PRO C 71 11.51 26.90 21.77
N SER C 72 12.02 26.11 22.71
CA SER C 72 11.23 25.74 23.88
C SER C 72 12.16 25.19 24.96
N GLU C 73 11.54 24.77 26.06
CA GLU C 73 12.26 24.17 27.18
C GLU C 73 12.51 22.68 26.98
N PHE C 74 11.70 22.02 26.17
CA PHE C 74 11.90 20.61 25.86
C PHE C 74 12.89 20.38 24.74
N LEU C 75 13.50 21.44 24.20
CA LEU C 75 14.25 21.39 22.96
C LEU C 75 15.61 22.01 23.18
N GLN C 76 16.67 21.22 23.00
CA GLN C 76 18.04 21.69 23.09
C GLN C 76 18.74 21.46 21.76
N VAL C 77 19.31 22.51 21.20
CA VAL C 77 19.89 22.48 19.86
C VAL C 77 21.40 22.42 19.97
N ALA C 78 22.02 21.57 19.13
CA ALA C 78 23.46 21.60 18.96
C ALA C 78 23.84 22.84 18.14
N GLU C 79 24.68 23.69 18.72
CA GLU C 79 24.98 24.99 18.12
C GLU C 79 25.86 24.89 16.88
N ALA C 80 26.19 23.70 16.41
CA ALA C 80 27.02 23.52 15.23
C ALA C 80 26.16 23.19 14.02
N THR C 81 26.60 23.68 12.85
CA THR C 81 26.05 23.26 11.58
C THR C 81 26.83 22.04 11.08
N TRP C 82 26.12 21.14 10.39
CA TRP C 82 26.68 19.87 9.99
C TRP C 82 26.52 19.66 8.49
N LEU C 83 27.54 19.09 7.88
CA LEU C 83 27.53 18.69 6.48
C LEU C 83 27.51 17.18 6.37
N VAL C 84 27.06 16.71 5.22
CA VAL C 84 26.80 15.30 4.96
C VAL C 84 27.85 14.79 3.99
N LEU C 85 28.35 13.57 4.26
CA LEU C 85 29.34 12.91 3.43
C LEU C 85 28.83 11.53 3.06
N ASN C 86 29.05 11.13 1.81
CA ASN C 86 28.63 9.81 1.34
C ASN C 86 29.72 9.21 0.47
N VAL C 87 30.02 7.94 0.70
CA VAL C 87 31.05 7.22 -0.04
C VAL C 87 30.41 6.52 -1.23
N SER C 88 31.08 6.59 -2.38
CA SER C 88 30.61 5.92 -3.58
C SER C 88 31.82 5.48 -4.41
N SER C 89 31.54 4.70 -5.45
CA SER C 89 32.58 4.19 -6.32
C SER C 89 31.95 3.74 -7.63
N HIS C 90 32.76 3.68 -8.67
CA HIS C 90 32.30 3.27 -10.00
C HIS C 90 31.15 4.17 -10.48
N THR C 101 30.68 -2.46 3.50
CA THR C 101 30.94 -1.19 4.18
C THR C 101 32.33 -1.17 4.81
N LYS C 102 33.34 -0.84 4.00
CA LYS C 102 34.67 -0.54 4.52
C LYS C 102 34.80 0.92 4.98
N ILE C 103 33.70 1.49 5.46
CA ILE C 103 33.63 2.91 5.77
C ILE C 103 34.38 3.22 7.05
N ALA C 104 34.30 2.32 8.03
CA ALA C 104 34.87 2.55 9.36
C ALA C 104 36.34 2.95 9.28
N ARG C 105 37.20 2.01 8.89
CA ARG C 105 38.64 2.25 8.96
C ARG C 105 39.13 3.28 7.95
N SER C 106 38.32 3.61 6.94
CA SER C 106 38.74 4.52 5.89
C SER C 106 38.24 5.95 6.10
N VAL C 107 37.21 6.15 6.90
CA VAL C 107 36.59 7.46 7.11
C VAL C 107 36.67 7.89 8.57
N ILE C 108 36.31 6.99 9.48
CA ILE C 108 36.16 7.37 10.88
C ILE C 108 37.44 7.18 11.68
N ALA C 109 38.33 6.29 11.25
CA ALA C 109 39.62 6.18 11.93
C ALA C 109 40.53 7.35 11.57
N PRO C 110 40.71 7.72 10.30
CA PRO C 110 41.48 8.95 10.02
C PRO C 110 40.83 10.19 10.62
N LEU C 111 39.50 10.23 10.65
CA LEU C 111 38.79 11.36 11.23
C LEU C 111 39.11 11.50 12.72
N ALA C 112 38.84 10.43 13.49
CA ALA C 112 39.03 10.50 14.93
C ALA C 112 40.49 10.76 15.30
N GLU C 113 41.43 10.24 14.50
CA GLU C 113 42.85 10.47 14.80
C GLU C 113 43.17 11.94 14.98
N HIS C 114 42.45 12.81 14.26
CA HIS C 114 42.59 14.26 14.42
C HIS C 114 41.49 14.84 15.31
N HIS C 115 40.88 14.01 16.15
CA HIS C 115 39.92 14.45 17.16
C HIS C 115 38.80 15.31 16.55
N VAL C 116 38.25 14.82 15.45
CA VAL C 116 37.01 15.35 14.90
C VAL C 116 35.88 14.39 15.25
N SER C 117 34.77 14.93 15.73
CA SER C 117 33.61 14.12 16.05
C SER C 117 32.74 13.97 14.79
N VAL C 118 32.18 12.78 14.63
CA VAL C 118 31.32 12.48 13.49
C VAL C 118 30.01 11.92 14.01
N LEU C 119 28.92 12.27 13.33
CA LEU C 119 27.60 11.69 13.62
C LEU C 119 27.28 10.73 12.48
N MET C 120 27.25 9.44 12.78
CA MET C 120 26.97 8.43 11.78
C MET C 120 25.46 8.21 11.68
N LEU C 121 24.94 8.24 10.46
CA LEU C 121 23.53 7.93 10.20
C LEU C 121 23.48 7.03 8.97
N SER C 122 23.51 5.72 9.21
CA SER C 122 23.32 4.76 8.14
C SER C 122 21.83 4.57 7.88
N THR C 123 21.47 4.55 6.60
CA THR C 123 20.09 4.32 6.19
C THR C 123 20.03 3.05 5.35
N TYR C 124 18.81 2.73 4.89
CA TYR C 124 18.63 1.57 4.04
C TYR C 124 19.32 1.73 2.70
N GLN C 125 19.39 2.96 2.18
CA GLN C 125 19.94 3.21 0.85
C GLN C 125 21.44 3.47 0.91
N THR C 126 21.86 4.44 1.71
CA THR C 126 23.25 4.86 1.79
C THR C 126 23.63 5.07 3.25
N ASP C 127 24.91 5.32 3.49
CA ASP C 127 25.42 5.65 4.81
C ASP C 127 25.90 7.10 4.80
N PHE C 128 25.45 7.87 5.79
CA PHE C 128 25.78 9.29 5.87
C PHE C 128 26.74 9.53 7.02
N ILE C 129 27.80 10.28 6.76
CA ILE C 129 28.76 10.70 7.79
C ILE C 129 28.61 12.21 7.94
N LEU C 130 28.20 12.65 9.13
CA LEU C 130 27.94 14.06 9.37
C LEU C 130 29.09 14.67 10.16
N VAL C 131 29.54 15.85 9.72
CA VAL C 131 30.69 16.52 10.32
C VAL C 131 30.36 17.98 10.54
N ARG C 132 30.93 18.56 11.59
CA ARG C 132 30.86 20.01 11.75
C ARG C 132 31.43 20.69 10.52
N GLU C 133 30.89 21.89 10.22
CA GLU C 133 31.42 22.64 9.09
C GLU C 133 32.73 23.32 9.42
N GLN C 134 32.96 23.63 10.70
CA GLN C 134 34.25 24.16 11.13
C GLN C 134 35.37 23.15 10.97
N ASP C 135 35.04 21.85 10.97
CA ASP C 135 36.03 20.80 10.79
C ASP C 135 36.14 20.35 9.33
N LEU C 136 35.44 21.03 8.42
CA LEU C 136 35.56 20.71 7.00
C LEU C 136 36.99 20.91 6.51
N SER C 137 37.72 21.86 7.10
CA SER C 137 39.08 22.15 6.65
C SER C 137 39.99 20.94 6.83
N VAL C 138 39.69 20.07 7.79
CA VAL C 138 40.56 18.94 8.10
C VAL C 138 40.19 17.71 7.28
N VAL C 139 38.89 17.49 7.03
CA VAL C 139 38.48 16.28 6.33
C VAL C 139 39.01 16.27 4.91
N ILE C 140 39.22 17.44 4.31
CA ILE C 140 39.76 17.49 2.95
C ILE C 140 41.24 17.14 2.97
N HIS C 141 41.95 17.56 4.01
CA HIS C 141 43.40 17.42 4.09
C HIS C 141 43.83 16.06 4.62
N THR C 142 43.17 15.57 5.68
CA THR C 142 43.47 14.25 6.22
C THR C 142 42.95 13.12 5.35
N LEU C 143 42.51 13.39 4.13
CA LEU C 143 41.73 12.40 3.39
C LEU C 143 41.84 12.57 1.87
N ALA C 144 42.41 13.68 1.42
CA ALA C 144 42.49 13.96 -0.01
C ALA C 144 43.01 12.77 -0.82
N GLN C 145 43.86 11.93 -0.21
CA GLN C 145 44.55 10.88 -0.96
C GLN C 145 43.95 9.49 -0.76
N GLU C 146 42.97 9.34 0.14
CA GLU C 146 42.31 8.04 0.26
C GLU C 146 41.20 7.88 -0.76
N PHE C 147 40.42 8.93 -0.99
CA PHE C 147 39.42 8.96 -2.05
C PHE C 147 39.72 10.11 -3.01
N ASP C 148 38.81 10.29 -3.96
CA ASP C 148 38.65 11.56 -4.66
C ASP C 148 37.42 12.22 -4.06
N ILE C 149 37.60 13.44 -3.55
CA ILE C 149 36.54 14.14 -2.84
C ILE C 149 35.76 15.00 -3.82
N TYR C 150 34.46 14.80 -3.87
CA TYR C 150 33.56 15.61 -4.68
C TYR C 150 32.73 16.52 -3.78
N ARG C 151 32.09 17.50 -4.39
CA ARG C 151 31.16 18.37 -3.69
C ARG C 151 30.01 18.71 -4.62
N GLU C 152 28.79 18.50 -4.15
CA GLU C 152 27.60 18.76 -4.95
C GLU C 152 27.39 20.27 -5.06
N VAL C 153 27.47 20.79 -6.28
CA VAL C 153 27.15 22.19 -6.58
C VAL C 153 25.95 22.15 -7.52
N GLY C 154 24.77 22.40 -6.98
CA GLY C 154 23.54 22.14 -7.71
C GLY C 154 23.14 20.69 -7.54
N GLY C 155 23.10 19.94 -8.64
CA GLY C 155 22.88 18.51 -8.58
C GLY C 155 23.99 17.77 -9.31
N GLU C 156 25.19 18.36 -9.32
CA GLU C 156 26.31 17.83 -10.07
C GLU C 156 27.52 17.69 -9.15
N PRO C 157 28.34 16.64 -9.34
CA PRO C 157 29.49 16.45 -8.44
C PRO C 157 30.76 17.08 -8.98
N VAL C 158 31.30 18.06 -8.25
CA VAL C 158 32.50 18.79 -8.66
C VAL C 158 33.59 18.50 -7.64
N PRO C 159 34.82 18.14 -8.07
CA PRO C 159 35.91 17.88 -7.12
C PRO C 159 36.13 19.02 -6.13
N PRO C 182 31.58 1.95 26.49
CA PRO C 182 31.67 0.93 27.54
C PRO C 182 30.32 0.62 28.15
N ILE C 183 29.30 0.50 27.30
CA ILE C 183 27.95 0.42 27.81
C ILE C 183 27.05 -0.59 27.09
N GLN C 184 25.75 -0.33 27.09
CA GLN C 184 24.72 -1.36 27.08
C GLN C 184 24.42 -1.88 25.67
N SER C 185 23.60 -2.96 25.65
CA SER C 185 23.03 -3.58 24.47
C SER C 185 21.76 -4.34 24.86
N PRO C 186 20.58 -3.93 24.41
CA PRO C 186 19.35 -4.64 24.79
C PRO C 186 18.98 -5.75 23.83
N GLN C 187 18.03 -6.57 24.27
CA GLN C 187 17.64 -7.80 23.58
C GLN C 187 16.71 -7.57 22.39
N ASN C 188 16.45 -6.32 22.01
CA ASN C 188 15.53 -6.04 20.93
C ASN C 188 16.06 -6.57 19.60
N ARG C 189 15.13 -7.01 18.75
CA ARG C 189 15.45 -7.51 17.42
C ARG C 189 14.92 -6.52 16.39
N PHE C 190 15.83 -5.86 15.67
CA PHE C 190 15.47 -4.75 14.82
C PHE C 190 15.38 -5.16 13.35
N CYS C 191 14.55 -4.44 12.63
CA CYS C 191 14.46 -4.52 11.18
C CYS C 191 14.79 -3.16 10.59
N VAL C 192 15.55 -3.17 9.50
CA VAL C 192 15.81 -2.00 8.67
C VAL C 192 14.95 -2.15 7.42
N LEU C 193 13.94 -1.30 7.28
CA LEU C 193 12.98 -1.40 6.20
C LEU C 193 12.96 -0.08 5.42
N THR C 194 12.62 -0.18 4.14
CA THR C 194 12.39 0.99 3.30
C THR C 194 10.92 1.04 2.93
N LEU C 195 10.55 2.05 2.14
CA LEU C 195 9.14 2.26 1.83
C LEU C 195 9.00 3.03 0.52
N ASP C 196 8.17 2.53 -0.37
CA ASP C 196 7.77 3.31 -1.53
C ASP C 196 7.17 4.64 -1.06
N PRO C 197 7.66 5.78 -1.52
CA PRO C 197 7.14 7.06 -1.00
C PRO C 197 5.63 7.21 -1.18
N GLU C 198 5.09 6.79 -2.32
CA GLU C 198 3.66 6.97 -2.58
C GLU C 198 2.78 6.02 -1.76
N THR C 199 3.37 5.15 -0.95
CA THR C 199 2.61 4.33 0.00
C THR C 199 2.72 4.85 1.43
N LEU C 200 3.39 5.97 1.64
CA LEU C 200 3.50 6.52 2.98
C LEU C 200 2.15 6.85 3.61
N PRO C 201 1.17 7.38 2.87
CA PRO C 201 -0.14 7.62 3.50
C PRO C 201 -0.77 6.36 4.10
N ALA C 202 -0.65 5.22 3.41
CA ALA C 202 -1.26 3.99 3.91
C ALA C 202 -0.82 3.63 5.32
N ILE C 203 0.32 4.15 5.78
CA ILE C 203 0.80 3.89 7.13
C ILE C 203 0.77 5.11 8.02
N ALA C 204 0.50 6.30 7.46
CA ALA C 204 0.59 7.54 8.23
C ALA C 204 0.05 7.38 9.65
N THR C 205 -1.23 7.02 9.77
CA THR C 205 -1.84 6.86 11.08
C THR C 205 -1.00 5.95 11.97
N THR C 206 -0.82 4.69 11.54
CA THR C 206 -0.06 3.74 12.36
C THR C 206 1.35 4.25 12.64
N LEU C 207 1.89 5.09 11.76
CA LEU C 207 3.20 5.68 12.04
C LEU C 207 3.07 6.77 13.11
N ILE C 208 2.13 7.69 12.92
CA ILE C 208 1.89 8.73 13.93
C ILE C 208 1.71 8.09 15.30
N ASP C 209 0.84 7.09 15.38
CA ASP C 209 0.59 6.40 16.65
C ASP C 209 1.88 5.99 17.32
N VAL C 210 2.85 5.47 16.55
CA VAL C 210 4.09 4.99 17.13
C VAL C 210 4.88 6.14 17.75
N LEU C 211 4.92 7.29 17.07
CA LEU C 211 5.85 8.33 17.47
C LEU C 211 5.29 9.26 18.55
N PHE C 212 4.03 9.67 18.43
CA PHE C 212 3.48 10.73 19.27
C PHE C 212 2.58 10.23 20.39
N TYR C 213 2.19 8.96 20.39
CA TYR C 213 1.21 8.47 21.34
C TYR C 213 1.60 7.18 22.05
N SER C 214 2.65 6.50 21.62
CA SER C 214 3.11 5.28 22.30
C SER C 214 4.11 5.66 23.38
N HIS C 215 3.80 5.30 24.62
CA HIS C 215 4.64 5.65 25.77
C HIS C 215 5.50 4.47 26.17
N SER C 229 17.16 -4.37 29.79
CA SER C 229 17.00 -4.42 28.34
C SER C 229 15.64 -3.87 27.93
N SER C 230 15.17 -4.24 26.75
CA SER C 230 13.87 -3.81 26.24
C SER C 230 13.85 -2.30 26.03
N ILE C 231 14.74 -1.83 25.16
CA ILE C 231 14.83 -0.41 24.85
C ILE C 231 13.73 -0.05 23.87
N THR C 232 13.12 1.12 24.06
CA THR C 232 12.25 1.72 23.04
C THR C 232 13.15 2.50 22.09
N PHE C 233 13.21 2.06 20.84
CA PHE C 233 14.03 2.70 19.84
C PHE C 233 13.24 2.77 18.54
N PHE C 234 13.29 3.92 17.87
CA PHE C 234 12.67 4.03 16.56
C PHE C 234 13.49 4.98 15.69
N ALA C 235 13.51 4.68 14.39
CA ALA C 235 14.19 5.57 13.45
C ALA C 235 13.34 5.73 12.20
N PHE C 236 13.07 6.97 11.83
CA PHE C 236 12.44 7.30 10.56
C PHE C 236 13.25 8.41 9.91
N SER C 237 13.61 8.24 8.64
CA SER C 237 14.38 9.24 7.93
C SER C 237 13.85 9.33 6.50
N LEU C 238 13.41 10.53 6.12
CA LEU C 238 13.12 10.85 4.73
C LEU C 238 14.23 11.81 4.27
N ILE C 239 15.07 11.33 3.37
CA ILE C 239 16.22 12.10 2.90
C ILE C 239 16.26 12.00 1.39
N GLU C 240 16.22 13.16 0.72
CA GLU C 240 16.19 13.22 -0.74
C GLU C 240 15.10 12.32 -1.30
N GLY C 241 13.95 12.34 -0.64
CA GLY C 241 12.82 11.54 -1.10
C GLY C 241 12.96 10.05 -0.93
N TYR C 242 13.88 9.61 -0.07
CA TYR C 242 14.08 8.20 0.22
C TYR C 242 13.75 7.93 1.68
N ILE C 243 12.97 6.88 1.92
CA ILE C 243 12.43 6.58 3.25
C ILE C 243 13.19 5.38 3.82
N SER C 244 13.67 5.53 5.05
CA SER C 244 14.31 4.44 5.77
C SER C 244 13.79 4.43 7.20
N ILE C 245 13.57 3.24 7.74
CA ILE C 245 13.03 3.06 9.08
C ILE C 245 13.75 1.92 9.76
N VAL C 246 14.08 2.11 11.04
CA VAL C 246 14.54 1.03 11.91
C VAL C 246 13.50 0.86 13.00
N MET C 247 12.98 -0.36 13.15
CA MET C 247 12.00 -0.63 14.20
C MET C 247 12.07 -2.10 14.59
N ASP C 248 11.74 -2.38 15.84
CA ASP C 248 11.84 -3.76 16.33
C ASP C 248 10.77 -4.63 15.67
N ALA C 249 10.72 -5.90 16.09
CA ALA C 249 9.90 -6.88 15.38
C ALA C 249 8.41 -6.68 15.66
N GLU C 250 8.03 -6.61 16.93
CA GLU C 250 6.62 -6.45 17.28
C GLU C 250 6.15 -5.01 17.20
N THR C 251 7.05 -4.06 16.93
CA THR C 251 6.61 -2.74 16.48
C THR C 251 6.19 -2.79 15.01
N GLN C 252 6.76 -3.71 14.23
CA GLN C 252 6.31 -3.92 12.87
C GLN C 252 5.00 -4.70 12.83
N LYS C 253 4.72 -5.51 13.85
CA LYS C 253 3.42 -6.17 13.96
C LYS C 253 2.29 -5.15 13.92
N LYS C 254 2.54 -3.94 14.41
CA LYS C 254 1.52 -2.89 14.34
C LYS C 254 1.19 -2.53 12.91
N PHE C 255 2.18 -2.56 12.02
CA PHE C 255 1.97 -2.08 10.66
C PHE C 255 1.42 -3.20 9.77
N PRO C 256 0.63 -2.85 8.75
CA PRO C 256 0.13 -3.88 7.82
C PRO C 256 1.23 -4.75 7.25
N SER C 257 0.84 -5.76 6.49
CA SER C 257 1.73 -6.88 6.15
C SER C 257 2.88 -6.49 5.22
N ASP C 258 2.56 -6.20 3.96
CA ASP C 258 3.55 -6.20 2.90
C ASP C 258 4.00 -4.80 2.48
N LEU C 259 3.63 -3.76 3.24
CA LEU C 259 4.03 -2.40 2.86
C LEU C 259 5.50 -2.17 3.13
N LEU C 260 5.97 -2.47 4.34
CA LEU C 260 7.35 -2.23 4.73
C LEU C 260 8.27 -3.15 3.92
N LEU C 261 8.86 -2.61 2.87
CA LEU C 261 9.78 -3.38 2.03
C LEU C 261 11.14 -3.52 2.72
N THR C 262 11.77 -4.67 2.50
CA THR C 262 13.09 -4.95 3.07
C THR C 262 14.07 -5.30 1.96
N LEU C 268 17.16 -8.74 9.86
CA LEU C 268 17.52 -9.31 11.16
C LEU C 268 18.75 -8.61 11.72
N TRP C 269 18.55 -7.81 12.76
CA TRP C 269 19.60 -6.96 13.30
C TRP C 269 19.49 -6.96 14.82
N ARG C 270 20.40 -6.22 15.46
CA ARG C 270 20.46 -6.18 16.92
C ARG C 270 21.39 -5.05 17.34
N MET C 271 21.11 -4.46 18.50
CA MET C 271 21.69 -3.19 18.89
C MET C 271 22.85 -3.34 19.85
N VAL C 272 23.92 -2.60 19.59
CA VAL C 272 24.93 -2.27 20.59
C VAL C 272 24.96 -0.75 20.69
N ARG C 273 25.39 -0.25 21.83
CA ARG C 273 25.07 1.13 22.20
C ARG C 273 26.09 1.66 23.19
N ILE C 274 26.43 2.95 23.05
CA ILE C 274 27.32 3.60 23.99
C ILE C 274 27.51 5.08 23.66
N GLY C 275 27.62 5.93 24.67
CA GLY C 275 27.83 7.34 24.43
C GLY C 275 27.59 8.16 25.69
N GLY C 276 27.96 9.44 25.59
CA GLY C 276 27.82 10.37 26.68
C GLY C 276 26.94 11.56 26.30
N GLN C 277 26.63 12.38 27.30
CA GLN C 277 25.66 13.45 27.14
C GLN C 277 26.16 14.49 26.13
N PRO C 278 25.22 15.34 25.70
CA PRO C 278 25.51 16.44 24.78
C PRO C 278 26.18 15.95 23.50
N GLY C 285 33.89 10.52 19.04
CA GLY C 285 35.07 9.80 19.52
C GLY C 285 34.73 8.35 19.82
N ILE C 286 33.54 8.12 20.38
CA ILE C 286 33.10 6.76 20.66
C ILE C 286 32.74 6.01 19.38
N VAL C 287 32.03 6.67 18.47
CA VAL C 287 31.69 6.06 17.19
C VAL C 287 32.94 5.51 16.50
N ALA C 288 34.08 6.18 16.68
CA ALA C 288 35.32 5.67 16.11
C ALA C 288 35.81 4.42 16.85
N GLN C 289 35.63 4.39 18.17
CA GLN C 289 35.98 3.19 18.94
C GLN C 289 35.20 1.98 18.43
N ILE C 290 33.87 2.11 18.35
CA ILE C 290 33.04 1.01 17.85
C ILE C 290 33.45 0.67 16.42
N ALA C 291 33.52 1.68 15.56
CA ALA C 291 33.79 1.45 14.14
C ALA C 291 35.10 0.71 13.93
N GLY C 292 36.15 1.10 14.66
CA GLY C 292 37.45 0.45 14.51
C GLY C 292 37.48 -0.92 15.16
N PRO C 293 36.73 -1.11 16.25
CA PRO C 293 36.68 -2.42 16.89
C PRO C 293 35.94 -3.44 16.03
N LEU C 294 35.00 -2.98 15.20
CA LEU C 294 34.24 -3.87 14.34
C LEU C 294 34.83 -4.01 12.94
N ALA C 295 35.52 -2.99 12.43
CA ALA C 295 36.26 -3.15 11.19
C ALA C 295 37.33 -4.23 11.33
N ALA C 296 38.00 -4.26 12.47
CA ALA C 296 38.84 -5.40 12.82
C ALA C 296 38.01 -6.68 12.77
N ALA C 297 38.39 -7.59 11.88
CA ALA C 297 37.56 -8.76 11.58
C ALA C 297 36.19 -8.30 11.10
N ASP C 298 36.21 -7.56 9.99
CA ASP C 298 35.06 -6.78 9.55
C ASP C 298 33.77 -7.57 9.56
N ILE C 299 32.71 -6.94 10.07
CA ILE C 299 31.34 -7.42 9.96
C ILE C 299 30.46 -6.25 9.52
N SER C 300 29.22 -6.56 9.17
CA SER C 300 28.27 -5.55 8.73
C SER C 300 27.66 -4.84 9.94
N ALA C 301 27.25 -3.59 9.73
CA ALA C 301 26.68 -2.79 10.82
C ALA C 301 25.95 -1.59 10.24
N TYR C 302 25.00 -1.08 11.02
CA TYR C 302 24.28 0.15 10.71
C TYR C 302 24.51 1.14 11.85
N TYR C 303 25.16 2.26 11.56
CA TYR C 303 25.55 3.22 12.59
C TYR C 303 24.56 4.37 12.61
N ILE C 304 24.02 4.67 13.79
CA ILE C 304 23.06 5.76 13.98
C ILE C 304 23.49 6.54 15.22
N SER C 305 23.78 7.83 15.04
CA SER C 305 24.20 8.69 16.13
C SER C 305 23.02 9.56 16.58
N THR C 306 22.75 9.55 17.87
CA THR C 306 21.72 10.39 18.47
C THR C 306 22.38 11.43 19.37
N PHE C 307 21.56 12.25 20.03
CA PHE C 307 22.08 13.39 20.76
C PHE C 307 23.02 12.94 21.88
N ASN C 308 22.70 11.83 22.55
CA ASN C 308 23.47 11.37 23.70
C ASN C 308 24.28 10.11 23.41
N PHE C 309 23.72 9.16 22.67
CA PHE C 309 24.32 7.85 22.50
C PHE C 309 24.68 7.62 21.04
N ASP C 310 25.46 6.56 20.82
CA ASP C 310 25.78 6.09 19.48
C ASP C 310 25.39 4.61 19.41
N HIS C 311 24.68 4.25 18.35
CA HIS C 311 24.14 2.91 18.18
C HIS C 311 24.73 2.25 16.94
N ALA C 312 24.89 0.94 17.00
CA ALA C 312 25.25 0.12 15.86
C ALA C 312 24.35 -1.10 15.82
N LEU C 313 23.92 -1.48 14.62
CA LEU C 313 23.03 -2.61 14.41
C LEU C 313 23.77 -3.66 13.61
N VAL C 314 24.08 -4.79 14.25
CA VAL C 314 24.72 -5.92 13.57
C VAL C 314 23.72 -7.06 13.51
N PRO C 315 23.90 -8.03 12.61
CA PRO C 315 22.96 -9.16 12.57
C PRO C 315 22.94 -9.91 13.88
N GLU C 316 21.83 -10.60 14.13
CA GLU C 316 21.68 -11.37 15.36
C GLU C 316 22.68 -12.53 15.39
N ASP C 317 22.84 -13.23 14.27
CA ASP C 317 23.62 -14.46 14.24
C ASP C 317 25.03 -14.29 14.81
N GLY C 318 25.52 -13.05 14.90
CA GLY C 318 26.85 -12.83 15.41
C GLY C 318 26.95 -11.76 16.49
N ILE C 319 25.80 -11.36 17.04
CA ILE C 319 25.79 -10.29 18.05
C ILE C 319 26.87 -10.53 19.09
N GLY C 320 26.96 -11.75 19.61
CA GLY C 320 27.93 -12.04 20.65
C GLY C 320 29.34 -11.65 20.25
N SER C 321 29.76 -12.06 19.07
CA SER C 321 31.09 -11.70 18.61
C SER C 321 31.27 -10.18 18.62
N VAL C 322 30.27 -9.44 18.13
CA VAL C 322 30.37 -7.99 18.08
C VAL C 322 30.45 -7.38 19.48
N ILE C 323 30.02 -8.10 20.51
CA ILE C 323 30.19 -7.63 21.88
C ILE C 323 31.54 -8.03 22.45
N GLU C 324 32.17 -9.08 21.92
CA GLU C 324 33.51 -9.43 22.35
C GLU C 324 34.53 -8.43 21.82
N VAL C 325 34.39 -8.02 20.55
CA VAL C 325 35.33 -7.08 19.96
C VAL C 325 35.12 -5.67 20.49
N LEU C 326 33.87 -5.30 20.81
CA LEU C 326 33.58 -3.97 21.32
C LEU C 326 34.02 -3.78 22.76
N GLN C 327 34.20 -4.86 23.52
CA GLN C 327 34.54 -4.76 24.94
C GLN C 327 36.03 -4.83 25.20
N ARG C 328 36.78 -5.55 24.35
CA ARG C 328 38.23 -5.63 24.55
C ARG C 328 38.90 -4.31 24.21
N ARG C 329 38.51 -3.68 23.11
CA ARG C 329 39.09 -2.40 22.70
C ARG C 329 38.96 -1.36 23.79
N MET D 7 9.90 -2.73 -12.22
CA MET D 7 11.04 -3.64 -12.56
C MET D 7 11.29 -3.61 -14.06
N GLU D 8 12.32 -4.33 -14.50
CA GLU D 8 12.61 -4.45 -15.93
C GLU D 8 13.48 -5.68 -16.17
N LEU D 9 13.17 -6.40 -17.24
CA LEU D 9 13.84 -7.63 -17.63
C LEU D 9 14.73 -7.32 -18.81
N HIS D 10 16.05 -7.38 -18.60
CA HIS D 10 17.02 -7.07 -19.64
C HIS D 10 17.38 -8.35 -20.39
N ILE D 11 17.22 -8.33 -21.71
CA ILE D 11 17.67 -9.41 -22.57
C ILE D 11 19.02 -9.00 -23.15
N LEU D 12 20.09 -9.54 -22.57
CA LEU D 12 21.43 -9.33 -23.07
C LEU D 12 21.68 -10.25 -24.27
N GLU D 13 22.30 -9.72 -25.31
CA GLU D 13 22.43 -10.45 -26.56
C GLU D 13 23.68 -11.32 -26.62
N HIS D 14 24.24 -11.70 -25.48
CA HIS D 14 25.07 -12.89 -25.46
C HIS D 14 24.28 -14.04 -26.06
N ARG D 15 24.96 -14.88 -26.82
CA ARG D 15 24.35 -16.06 -27.42
C ARG D 15 25.20 -17.26 -27.02
N VAL D 16 24.70 -18.03 -26.05
CA VAL D 16 25.53 -18.95 -25.28
C VAL D 16 25.28 -20.38 -25.74
N ARG D 17 26.37 -21.15 -25.77
CA ARG D 17 26.32 -22.59 -25.96
C ARG D 17 26.74 -23.25 -24.65
N VAL D 18 26.07 -24.36 -24.33
CA VAL D 18 26.28 -25.09 -23.08
C VAL D 18 26.90 -26.44 -23.42
N LEU D 19 28.13 -26.65 -22.96
CA LEU D 19 28.87 -27.87 -23.24
C LEU D 19 29.07 -28.67 -21.96
N SER D 20 29.35 -29.95 -22.14
CA SER D 20 29.79 -30.84 -21.07
C SER D 20 31.07 -31.51 -21.50
N VAL D 21 32.15 -31.26 -20.77
CA VAL D 21 33.44 -31.88 -20.99
C VAL D 21 33.59 -33.00 -19.98
N ALA D 22 33.60 -34.25 -20.43
CA ALA D 22 33.87 -35.36 -19.54
C ALA D 22 35.16 -35.09 -18.78
N ARG D 23 35.21 -35.55 -17.53
CA ARG D 23 36.38 -35.29 -16.69
C ARG D 23 37.67 -35.78 -17.35
N PRO D 24 37.79 -37.06 -17.76
CA PRO D 24 39.08 -37.54 -18.27
C PRO D 24 39.46 -36.97 -19.62
N GLY D 25 38.71 -35.98 -20.09
CA GLY D 25 39.02 -35.32 -21.34
C GLY D 25 39.37 -33.85 -21.15
N LEU D 26 39.11 -33.31 -19.95
CA LEU D 26 39.31 -31.89 -19.74
C LEU D 26 40.71 -31.44 -20.13
N TRP D 27 41.70 -32.33 -20.02
CA TRP D 27 43.07 -31.93 -20.30
C TRP D 27 43.24 -31.50 -21.75
N LEU D 28 42.55 -32.18 -22.68
CA LEU D 28 42.63 -31.79 -24.08
C LEU D 28 42.01 -30.43 -24.36
N TYR D 29 41.37 -29.81 -23.36
CA TYR D 29 40.85 -28.45 -23.49
C TYR D 29 41.62 -27.48 -22.60
N THR D 30 42.81 -27.86 -22.13
CA THR D 30 43.62 -26.95 -21.35
C THR D 30 44.04 -25.73 -22.16
N HIS D 31 44.24 -25.90 -23.48
CA HIS D 31 44.72 -24.79 -24.29
C HIS D 31 43.66 -23.70 -24.45
N PRO D 32 42.46 -23.99 -24.96
CA PRO D 32 41.49 -22.90 -25.13
C PRO D 32 40.95 -22.35 -23.81
N LEU D 33 40.65 -23.23 -22.85
CA LEU D 33 40.12 -22.77 -21.57
C LEU D 33 41.04 -21.75 -20.93
N ILE D 34 42.33 -22.06 -20.85
CA ILE D 34 43.29 -21.12 -20.29
C ILE D 34 43.22 -19.78 -21.03
N LYS D 35 43.09 -19.84 -22.36
CA LYS D 35 42.88 -18.60 -23.11
C LYS D 35 41.60 -17.90 -22.65
N LEU D 36 40.50 -18.65 -22.57
CA LEU D 36 39.26 -18.07 -22.06
C LEU D 36 39.36 -17.70 -20.59
N LEU D 37 40.37 -18.22 -19.87
CA LEU D 37 40.46 -17.98 -18.45
C LEU D 37 41.27 -16.73 -18.11
N PHE D 38 42.50 -16.63 -18.65
CA PHE D 38 43.46 -15.66 -18.17
C PHE D 38 43.91 -14.64 -19.20
N LEU D 39 43.58 -14.83 -20.49
CA LEU D 39 44.06 -13.95 -21.55
C LEU D 39 42.89 -13.21 -22.17
N PRO D 40 42.49 -12.06 -21.63
CA PRO D 40 41.31 -11.36 -22.18
C PRO D 40 41.57 -10.77 -23.55
N ARG D 41 42.74 -10.17 -23.75
CA ARG D 41 43.04 -9.48 -24.99
C ARG D 41 43.13 -10.42 -26.18
N ARG D 42 43.07 -11.73 -25.97
CA ARG D 42 43.30 -12.71 -27.01
C ARG D 42 42.07 -13.53 -27.39
N SER D 43 40.91 -13.24 -26.80
CA SER D 43 39.68 -13.91 -27.19
C SER D 43 38.55 -12.89 -27.20
N ARG D 44 37.58 -13.13 -28.07
CA ARG D 44 36.42 -12.26 -28.21
C ARG D 44 35.22 -12.75 -27.40
N CYS D 45 35.43 -13.70 -26.50
CA CYS D 45 34.35 -14.27 -25.71
C CYS D 45 34.08 -13.40 -24.49
N LYS D 46 32.87 -12.82 -24.42
CA LYS D 46 32.48 -11.97 -23.30
C LYS D 46 31.46 -12.67 -22.39
N PHE D 47 31.32 -13.98 -22.52
CA PHE D 47 30.48 -14.74 -21.59
C PHE D 47 31.11 -16.13 -21.46
N PHE D 48 31.72 -16.39 -20.30
CA PHE D 48 32.38 -17.65 -20.03
C PHE D 48 32.03 -18.15 -18.62
N SER D 49 31.59 -19.39 -18.54
CA SER D 49 31.28 -20.03 -17.26
C SER D 49 31.82 -21.46 -17.29
N LEU D 50 32.54 -21.84 -16.24
CA LEU D 50 33.05 -23.20 -16.07
C LEU D 50 32.68 -23.66 -14.67
N THR D 51 32.11 -24.87 -14.57
CA THR D 51 31.69 -25.44 -13.30
C THR D 51 32.14 -26.89 -13.23
N GLU D 52 32.97 -27.20 -12.24
CA GLU D 52 33.41 -28.56 -11.99
C GLU D 52 32.43 -29.26 -11.06
N THR D 53 31.97 -30.43 -11.47
CA THR D 53 31.16 -31.34 -10.68
C THR D 53 31.81 -32.70 -10.75
N PRO D 54 31.45 -33.62 -9.84
CA PRO D 54 32.06 -34.95 -9.85
C PRO D 54 31.64 -35.84 -11.01
N GLU D 55 30.97 -35.31 -12.04
CA GLU D 55 30.65 -36.07 -13.25
C GLU D 55 31.35 -35.52 -14.48
N ASP D 56 31.44 -34.21 -14.62
CA ASP D 56 32.03 -33.58 -15.79
C ASP D 56 32.24 -32.09 -15.49
N TYR D 57 32.62 -31.34 -16.50
CA TYR D 57 32.86 -29.91 -16.40
C TYR D 57 31.86 -29.22 -17.33
N THR D 58 30.93 -28.46 -16.75
CA THR D 58 29.90 -27.79 -17.50
C THR D 58 30.39 -26.41 -17.92
N LEU D 59 30.30 -26.12 -19.20
CA LEU D 59 30.75 -24.85 -19.75
C LEU D 59 29.60 -24.11 -20.39
N MET D 60 29.70 -22.78 -20.39
CA MET D 60 28.76 -21.94 -21.11
C MET D 60 29.57 -20.80 -21.71
N VAL D 61 29.65 -20.74 -23.04
CA VAL D 61 30.47 -19.74 -23.71
C VAL D 61 29.65 -19.08 -24.80
N ASP D 62 29.85 -17.79 -25.00
CA ASP D 62 29.27 -17.16 -26.18
C ASP D 62 29.84 -17.82 -27.44
N GLU D 63 29.29 -17.44 -28.60
CA GLU D 63 29.63 -18.14 -29.83
C GLU D 63 31.11 -18.01 -30.16
N GLU D 64 31.69 -16.82 -29.92
CA GLU D 64 33.11 -16.63 -30.16
C GLU D 64 33.93 -17.64 -29.37
N GLY D 65 33.73 -17.70 -28.06
CA GLY D 65 34.45 -18.67 -27.25
C GLY D 65 34.17 -20.10 -27.67
N PHE D 66 32.95 -20.37 -28.14
CA PHE D 66 32.62 -21.72 -28.58
C PHE D 66 33.45 -22.11 -29.81
N LYS D 67 33.74 -21.15 -30.68
CA LYS D 67 34.59 -21.43 -31.84
C LYS D 67 35.91 -22.06 -31.43
N GLU D 68 36.36 -21.80 -30.20
CA GLU D 68 37.70 -22.18 -29.77
C GLU D 68 37.78 -23.60 -29.20
N LEU D 69 36.67 -24.35 -29.20
CA LEU D 69 36.66 -25.67 -28.56
C LEU D 69 36.57 -26.76 -29.61
N PRO D 70 37.59 -27.60 -29.78
CA PRO D 70 37.50 -28.69 -30.76
C PRO D 70 36.48 -29.72 -30.33
N PRO D 71 35.69 -30.27 -31.25
CA PRO D 71 34.76 -31.35 -30.87
C PRO D 71 35.49 -32.67 -30.72
N SER D 72 35.04 -33.46 -29.75
CA SER D 72 35.63 -34.77 -29.47
C SER D 72 34.59 -35.65 -28.81
N GLU D 73 35.01 -36.83 -28.37
CA GLU D 73 34.12 -37.78 -27.72
C GLU D 73 33.86 -37.45 -26.26
N PHE D 74 34.57 -36.46 -25.71
CA PHE D 74 34.34 -36.00 -24.33
C PHE D 74 33.51 -34.73 -24.28
N LEU D 75 33.25 -34.10 -25.42
CA LEU D 75 32.52 -32.84 -25.50
C LEU D 75 31.13 -33.13 -26.04
N GLN D 76 30.12 -33.05 -25.19
CA GLN D 76 28.73 -33.11 -25.63
C GLN D 76 28.15 -31.71 -25.57
N VAL D 77 27.64 -31.23 -26.70
CA VAL D 77 27.18 -29.85 -26.84
C VAL D 77 25.65 -29.84 -26.83
N ALA D 78 25.07 -28.92 -26.07
CA ALA D 78 23.65 -28.67 -26.14
C ALA D 78 23.31 -28.02 -27.48
N GLU D 79 22.59 -28.75 -28.33
CA GLU D 79 22.34 -28.32 -29.69
C GLU D 79 21.47 -27.07 -29.78
N ALA D 80 20.98 -26.54 -28.67
CA ALA D 80 20.18 -25.32 -28.67
C ALA D 80 21.04 -24.13 -28.29
N THR D 81 20.83 -23.01 -28.98
CA THR D 81 21.48 -21.76 -28.63
C THR D 81 20.66 -21.06 -27.54
N TRP D 82 21.37 -20.39 -26.64
CA TRP D 82 20.76 -19.85 -25.43
C TRP D 82 20.91 -18.34 -25.38
N LEU D 83 19.96 -17.70 -24.71
CA LEU D 83 19.96 -16.25 -24.51
C LEU D 83 19.86 -15.96 -23.02
N VAL D 84 20.25 -14.74 -22.67
CA VAL D 84 20.57 -14.38 -21.29
C VAL D 84 19.64 -13.25 -20.84
N LEU D 85 18.84 -13.52 -19.82
CA LEU D 85 18.01 -12.54 -19.15
C LEU D 85 18.66 -12.12 -17.84
N ASN D 86 18.31 -10.92 -17.38
CA ASN D 86 18.74 -10.45 -16.08
C ASN D 86 17.78 -9.36 -15.62
N VAL D 87 17.22 -9.53 -14.44
CA VAL D 87 16.24 -8.60 -13.89
C VAL D 87 16.97 -7.45 -13.20
N SER D 88 16.35 -6.28 -13.21
CA SER D 88 16.90 -5.12 -12.52
C SER D 88 15.78 -4.11 -12.29
N SER D 89 16.05 -3.18 -11.39
CA SER D 89 15.06 -2.15 -11.04
C SER D 89 15.03 -1.04 -12.09
N ARG D 105 12.87 -13.85 -8.43
CA ARG D 105 12.57 -14.94 -9.35
C ARG D 105 11.06 -15.04 -9.60
N SER D 106 10.46 -13.93 -10.02
CA SER D 106 9.04 -13.93 -10.39
C SER D 106 8.80 -14.42 -11.81
N VAL D 107 9.85 -14.92 -12.48
CA VAL D 107 9.74 -15.41 -13.84
C VAL D 107 9.78 -16.93 -13.93
N ILE D 108 10.30 -17.62 -12.91
CA ILE D 108 10.42 -19.07 -12.95
C ILE D 108 9.04 -19.71 -13.14
N ALA D 109 8.12 -19.47 -12.20
CA ALA D 109 6.79 -20.04 -12.31
C ALA D 109 6.13 -19.65 -13.63
N PRO D 110 6.12 -18.36 -13.95
CA PRO D 110 5.48 -17.88 -15.17
C PRO D 110 5.94 -18.68 -16.38
N LEU D 111 7.26 -18.81 -16.57
CA LEU D 111 7.80 -19.54 -17.69
C LEU D 111 7.83 -21.06 -17.45
N ALA D 112 7.68 -21.49 -16.21
CA ALA D 112 7.58 -22.92 -15.93
C ALA D 112 6.20 -23.46 -16.30
N GLU D 113 5.14 -22.74 -15.91
CA GLU D 113 3.79 -23.14 -16.27
C GLU D 113 3.58 -23.20 -17.78
N HIS D 114 4.48 -22.57 -18.55
CA HIS D 114 4.40 -22.58 -20.00
C HIS D 114 5.44 -23.54 -20.57
N HIS D 115 5.66 -23.46 -21.88
CA HIS D 115 6.54 -24.40 -22.59
C HIS D 115 7.96 -23.86 -22.55
N VAL D 116 8.63 -24.08 -21.42
CA VAL D 116 9.99 -23.58 -21.27
C VAL D 116 10.63 -24.18 -20.02
N SER D 117 11.94 -24.34 -20.08
CA SER D 117 12.75 -24.72 -18.92
C SER D 117 13.95 -23.78 -18.86
N VAL D 118 14.36 -23.44 -17.63
CA VAL D 118 15.30 -22.35 -17.39
C VAL D 118 16.63 -22.92 -16.92
N LEU D 119 17.71 -22.22 -17.28
CA LEU D 119 19.03 -22.50 -16.73
C LEU D 119 19.47 -21.29 -15.93
N MET D 120 19.77 -21.50 -14.64
CA MET D 120 20.13 -20.41 -13.73
C MET D 120 21.64 -20.41 -13.49
N LEU D 121 22.26 -19.24 -13.72
CA LEU D 121 23.65 -19.01 -13.28
C LEU D 121 23.64 -17.71 -12.46
N SER D 122 23.52 -17.85 -11.14
CA SER D 122 23.68 -16.72 -10.25
C SER D 122 25.17 -16.48 -10.04
N THR D 123 25.63 -15.27 -10.36
CA THR D 123 27.01 -14.89 -10.19
C THR D 123 27.16 -14.03 -8.94
N TYR D 124 28.41 -13.67 -8.62
CA TYR D 124 28.65 -12.81 -7.47
C TYR D 124 27.95 -11.48 -7.63
N GLN D 125 27.93 -10.95 -8.86
CA GLN D 125 27.45 -9.60 -9.13
C GLN D 125 25.94 -9.58 -9.35
N THR D 126 25.44 -10.45 -10.22
CA THR D 126 24.02 -10.46 -10.55
C THR D 126 23.60 -11.89 -10.87
N ASP D 127 22.28 -12.09 -10.94
CA ASP D 127 21.72 -13.35 -11.37
C ASP D 127 21.54 -13.34 -12.88
N PHE D 128 21.84 -14.45 -13.52
CA PHE D 128 21.67 -14.60 -14.96
C PHE D 128 20.73 -15.77 -15.22
N ILE D 129 19.71 -15.51 -16.02
CA ILE D 129 18.78 -16.54 -16.46
C ILE D 129 19.11 -16.86 -17.91
N LEU D 130 18.86 -18.10 -18.31
CA LEU D 130 19.22 -18.54 -19.65
C LEU D 130 18.10 -19.40 -20.22
N VAL D 131 17.64 -19.03 -21.42
CA VAL D 131 16.51 -19.69 -22.06
C VAL D 131 16.84 -19.96 -23.51
N ARG D 132 16.31 -21.06 -24.04
CA ARG D 132 16.44 -21.34 -25.46
C ARG D 132 15.95 -20.15 -26.28
N GLU D 133 16.72 -19.80 -27.31
CA GLU D 133 16.30 -18.77 -28.24
C GLU D 133 14.89 -19.02 -28.74
N GLN D 134 14.58 -20.28 -29.08
CA GLN D 134 13.27 -20.61 -29.63
C GLN D 134 12.14 -20.13 -28.72
N ASP D 135 12.35 -20.20 -27.42
CA ASP D 135 11.28 -19.88 -26.47
C ASP D 135 11.09 -18.39 -26.25
N LEU D 136 11.97 -17.55 -26.81
CA LEU D 136 11.92 -16.10 -26.56
C LEU D 136 10.49 -15.57 -26.53
N SER D 137 9.74 -15.82 -27.60
CA SER D 137 8.39 -15.27 -27.71
C SER D 137 7.53 -15.66 -26.51
N VAL D 138 7.47 -16.95 -26.20
CA VAL D 138 6.64 -17.40 -25.09
C VAL D 138 7.09 -16.75 -23.78
N VAL D 139 8.36 -16.39 -23.67
CA VAL D 139 8.83 -15.72 -22.46
C VAL D 139 8.33 -14.29 -22.41
N ILE D 140 8.27 -13.63 -23.57
CA ILE D 140 7.87 -12.23 -23.61
C ILE D 140 6.37 -12.09 -23.38
N HIS D 141 5.57 -12.90 -24.10
CA HIS D 141 4.13 -12.83 -23.93
C HIS D 141 3.72 -13.15 -22.49
N THR D 142 4.33 -14.17 -21.90
CA THR D 142 3.95 -14.61 -20.56
C THR D 142 4.61 -13.78 -19.46
N LEU D 143 5.44 -12.80 -19.79
CA LEU D 143 6.13 -12.02 -18.77
C LEU D 143 6.18 -10.54 -19.07
N ALA D 144 5.54 -10.07 -20.13
CA ALA D 144 5.57 -8.65 -20.48
C ALA D 144 4.71 -7.79 -19.57
N GLN D 145 3.99 -8.38 -18.62
CA GLN D 145 3.11 -7.62 -17.74
C GLN D 145 3.71 -7.32 -16.38
N GLU D 146 4.64 -8.15 -15.91
CA GLU D 146 5.26 -7.93 -14.61
C GLU D 146 6.45 -6.98 -14.66
N PHE D 147 7.02 -6.75 -15.85
CA PHE D 147 8.11 -5.79 -15.99
C PHE D 147 8.24 -5.43 -17.47
N ASP D 148 9.01 -4.37 -17.73
CA ASP D 148 9.29 -3.93 -19.09
C ASP D 148 10.46 -4.72 -19.65
N ILE D 149 10.29 -5.26 -20.86
CA ILE D 149 11.29 -6.11 -21.47
C ILE D 149 12.18 -5.26 -22.37
N TYR D 150 13.47 -5.23 -22.05
CA TYR D 150 14.46 -4.50 -22.81
C TYR D 150 15.37 -5.48 -23.55
N ARG D 151 16.12 -4.95 -24.51
CA ARG D 151 17.03 -5.74 -25.32
C ARG D 151 18.30 -4.93 -25.57
N GLU D 152 19.45 -5.57 -25.39
CA GLU D 152 20.73 -4.87 -25.54
C GLU D 152 21.11 -4.84 -27.01
N VAL D 153 20.52 -3.88 -27.73
CA VAL D 153 20.85 -3.61 -29.12
C VAL D 153 21.93 -2.53 -29.15
N GLY D 154 23.06 -2.85 -29.76
CA GLY D 154 24.14 -1.88 -29.83
C GLY D 154 24.56 -1.35 -28.48
N GLY D 155 24.61 -2.23 -27.48
CA GLY D 155 24.99 -1.81 -26.14
C GLY D 155 23.97 -0.96 -25.42
N GLU D 156 22.79 -0.74 -26.02
CA GLU D 156 21.76 0.09 -25.41
C GLU D 156 20.53 -0.75 -25.09
N PRO D 157 19.80 -0.46 -24.02
CA PRO D 157 18.56 -1.18 -23.75
C PRO D 157 17.40 -0.54 -24.52
N VAL D 158 16.72 -1.34 -25.33
CA VAL D 158 15.61 -0.88 -26.15
C VAL D 158 14.36 -1.65 -25.74
N PRO D 159 13.23 -0.99 -25.48
CA PRO D 159 12.00 -1.73 -25.15
C PRO D 159 11.63 -2.71 -26.25
N VAL D 160 10.72 -3.62 -25.91
CA VAL D 160 10.27 -4.65 -26.83
C VAL D 160 8.77 -4.48 -27.11
N PRO D 182 14.62 -36.59 -6.07
CA PRO D 182 15.66 -37.01 -5.13
C PRO D 182 16.49 -35.85 -4.61
N ILE D 183 16.68 -35.82 -3.29
CA ILE D 183 17.39 -34.73 -2.62
C ILE D 183 18.80 -35.21 -2.26
N GLN D 184 19.72 -34.27 -2.17
CA GLN D 184 21.08 -34.54 -1.71
C GLN D 184 21.78 -33.23 -1.37
N SER D 185 22.39 -33.16 -0.19
CA SER D 185 23.09 -31.96 0.27
C SER D 185 24.43 -32.35 0.88
N PRO D 186 25.52 -32.27 0.12
CA PRO D 186 26.84 -32.53 0.70
C PRO D 186 27.24 -31.41 1.66
N GLN D 187 27.89 -31.79 2.75
CA GLN D 187 28.17 -30.88 3.86
C GLN D 187 29.38 -29.99 3.63
N ASN D 188 29.81 -29.81 2.38
CA ASN D 188 30.89 -28.86 2.12
C ASN D 188 30.48 -27.46 2.55
N ARG D 189 31.47 -26.59 2.71
CA ARG D 189 31.26 -25.19 3.07
C ARG D 189 31.79 -24.35 1.92
N PHE D 190 30.89 -23.64 1.23
CA PHE D 190 31.22 -22.95 0.00
C PHE D 190 31.32 -21.45 0.23
N CYS D 191 32.16 -20.80 -0.57
CA CYS D 191 32.38 -19.37 -0.55
C CYS D 191 32.05 -18.82 -1.93
N VAL D 192 31.23 -17.77 -1.94
CA VAL D 192 30.94 -16.97 -3.13
C VAL D 192 31.86 -15.75 -3.06
N LEU D 193 32.88 -15.75 -3.90
CA LEU D 193 33.93 -14.73 -3.89
C LEU D 193 33.99 -14.08 -5.27
N THR D 194 34.49 -12.85 -5.29
CA THR D 194 34.86 -12.20 -6.54
C THR D 194 36.38 -11.99 -6.56
N LEU D 195 36.85 -11.24 -7.55
CA LEU D 195 38.28 -11.02 -7.72
C LEU D 195 38.51 -9.90 -8.72
N ASP D 196 39.38 -8.95 -8.39
CA ASP D 196 39.76 -7.93 -9.35
C ASP D 196 40.51 -8.60 -10.49
N PRO D 197 40.08 -8.47 -11.74
CA PRO D 197 40.82 -9.11 -12.84
C PRO D 197 42.27 -8.66 -12.93
N GLU D 198 42.57 -7.41 -12.55
CA GLU D 198 43.95 -6.95 -12.54
C GLU D 198 44.83 -7.78 -11.61
N THR D 199 44.22 -8.50 -10.67
CA THR D 199 44.95 -9.39 -9.77
C THR D 199 44.81 -10.86 -10.14
N LEU D 200 44.10 -11.17 -11.23
CA LEU D 200 43.93 -12.56 -11.62
C LEU D 200 45.25 -13.29 -11.83
N PRO D 201 46.27 -12.70 -12.49
CA PRO D 201 47.57 -13.39 -12.60
C PRO D 201 48.04 -14.02 -11.30
N ALA D 202 48.02 -13.24 -10.22
CA ALA D 202 48.59 -13.69 -8.95
C ALA D 202 48.02 -15.04 -8.51
N ILE D 203 46.80 -15.38 -8.92
CA ILE D 203 46.18 -16.63 -8.53
C ILE D 203 46.15 -17.66 -9.66
N ALA D 204 46.37 -17.24 -10.90
CA ALA D 204 46.28 -18.17 -12.03
C ALA D 204 46.95 -19.50 -11.70
N THR D 205 48.21 -19.45 -11.27
CA THR D 205 48.95 -20.62 -10.86
C THR D 205 48.10 -21.59 -10.06
N THR D 206 47.63 -21.15 -8.89
CA THR D 206 46.80 -22.02 -8.05
C THR D 206 45.53 -22.43 -8.78
N LEU D 207 44.89 -21.48 -9.45
CA LEU D 207 43.62 -21.78 -10.12
C LEU D 207 43.77 -22.92 -11.10
N ILE D 208 44.74 -22.82 -12.01
CA ILE D 208 45.05 -23.94 -12.90
C ILE D 208 45.13 -25.23 -12.10
N ASP D 209 45.94 -25.22 -11.03
CA ASP D 209 46.15 -26.41 -10.22
C ASP D 209 44.83 -27.01 -9.75
N VAL D 210 43.87 -26.15 -9.37
CA VAL D 210 42.61 -26.65 -8.86
C VAL D 210 41.79 -27.31 -9.97
N LEU D 211 41.84 -26.75 -11.17
CA LEU D 211 40.91 -27.16 -12.22
C LEU D 211 41.45 -28.26 -13.11
N PHE D 212 42.76 -28.29 -13.35
CA PHE D 212 43.34 -29.20 -14.33
C PHE D 212 44.16 -30.32 -13.71
N TYR D 213 44.36 -30.32 -12.39
CA TYR D 213 45.22 -31.33 -11.78
C TYR D 213 44.74 -31.85 -10.44
N SER D 214 43.86 -31.15 -9.71
CA SER D 214 43.41 -31.61 -8.41
C SER D 214 42.98 -33.07 -8.46
N HIS D 215 42.08 -33.41 -9.38
CA HIS D 215 41.60 -34.78 -9.51
C HIS D 215 42.00 -35.36 -10.86
N SER D 229 30.05 -37.39 3.73
CA SER D 229 30.03 -37.35 2.26
C SER D 229 30.15 -35.92 1.76
N SER D 230 31.31 -35.60 1.19
CA SER D 230 31.54 -34.29 0.59
C SER D 230 31.38 -34.39 -0.92
N ILE D 231 31.52 -33.24 -1.59
CA ILE D 231 31.36 -33.16 -3.04
C ILE D 231 32.52 -32.37 -3.61
N THR D 232 32.80 -32.61 -4.89
CA THR D 232 33.84 -31.89 -5.63
C THR D 232 33.11 -30.89 -6.54
N PHE D 233 32.99 -29.65 -6.07
CA PHE D 233 32.28 -28.61 -6.81
C PHE D 233 33.16 -27.37 -6.90
N PHE D 234 33.25 -26.78 -8.09
CA PHE D 234 33.94 -25.52 -8.26
C PHE D 234 33.21 -24.69 -9.30
N ALA D 235 33.26 -23.37 -9.14
CA ALA D 235 32.64 -22.48 -10.12
C ALA D 235 33.56 -21.31 -10.39
N PHE D 236 33.84 -21.07 -11.67
CA PHE D 236 34.52 -19.86 -12.11
C PHE D 236 33.77 -19.30 -13.30
N SER D 237 33.50 -18.00 -13.27
CA SER D 237 32.85 -17.35 -14.39
C SER D 237 33.49 -16.00 -14.63
N LEU D 238 33.73 -15.70 -15.91
CA LEU D 238 34.16 -14.38 -16.36
C LEU D 238 33.09 -13.88 -17.32
N ILE D 239 32.38 -12.83 -16.92
CA ILE D 239 31.24 -12.31 -17.67
C ILE D 239 31.41 -10.80 -17.77
N GLU D 240 31.62 -10.31 -18.99
CA GLU D 240 31.77 -8.87 -19.22
C GLU D 240 32.85 -8.28 -18.32
N GLY D 241 33.94 -9.04 -18.16
CA GLY D 241 35.06 -8.60 -17.36
C GLY D 241 34.92 -8.80 -15.87
N TYR D 242 33.81 -9.37 -15.41
CA TYR D 242 33.57 -9.60 -13.99
C TYR D 242 33.88 -11.05 -13.64
N ILE D 243 34.60 -11.25 -12.54
CA ILE D 243 35.07 -12.56 -12.12
C ILE D 243 34.25 -13.00 -10.91
N SER D 244 33.64 -14.18 -11.00
CA SER D 244 32.91 -14.78 -9.90
C SER D 244 33.43 -16.18 -9.68
N ILE D 245 33.51 -16.60 -8.41
CA ILE D 245 34.08 -17.89 -8.05
C ILE D 245 33.27 -18.45 -6.88
N VAL D 246 33.01 -19.74 -6.91
CA VAL D 246 32.47 -20.47 -5.76
C VAL D 246 33.41 -21.63 -5.48
N MET D 247 33.83 -21.78 -4.23
CA MET D 247 34.79 -22.84 -3.92
C MET D 247 34.61 -23.35 -2.50
N ASP D 248 35.08 -24.57 -2.27
CA ASP D 248 35.04 -25.16 -0.94
C ASP D 248 35.79 -24.29 0.06
N ALA D 249 35.49 -24.51 1.35
CA ALA D 249 36.28 -23.90 2.39
C ALA D 249 37.68 -24.51 2.44
N GLU D 250 37.82 -25.78 2.07
CA GLU D 250 39.13 -26.40 2.01
C GLU D 250 39.92 -25.92 0.80
N THR D 251 39.24 -25.70 -0.33
CA THR D 251 39.94 -25.28 -1.54
C THR D 251 40.47 -23.85 -1.39
N GLN D 252 39.70 -22.96 -0.78
CA GLN D 252 40.17 -21.59 -0.58
C GLN D 252 41.35 -21.52 0.38
N LYS D 253 41.67 -22.61 1.08
CA LYS D 253 42.90 -22.64 1.88
C LYS D 253 44.14 -22.70 1.00
N LYS D 254 43.98 -23.08 -0.27
CA LYS D 254 45.10 -23.10 -1.21
C LYS D 254 45.37 -21.74 -1.85
N PHE D 255 44.54 -20.73 -1.57
CA PHE D 255 44.72 -19.39 -2.10
C PHE D 255 45.12 -18.43 -0.99
N PRO D 256 46.12 -17.55 -1.21
CA PRO D 256 46.71 -16.82 -0.08
C PRO D 256 46.27 -15.37 0.06
N SER D 257 46.49 -14.82 1.26
CA SER D 257 46.56 -13.38 1.49
C SER D 257 45.30 -12.64 1.04
N ASP D 258 44.14 -13.25 1.28
CA ASP D 258 42.86 -12.57 1.10
C ASP D 258 42.73 -11.90 -0.27
N LEU D 259 43.33 -12.49 -1.30
CA LEU D 259 43.14 -11.96 -2.65
C LEU D 259 41.69 -12.14 -3.11
N LEU D 260 41.00 -13.16 -2.60
CA LEU D 260 39.60 -13.36 -2.91
C LEU D 260 38.75 -12.43 -2.04
N LEU D 261 37.84 -11.70 -2.68
CA LEU D 261 37.00 -10.74 -1.99
C LEU D 261 35.59 -11.28 -1.81
N THR D 262 34.95 -10.86 -0.71
CA THR D 262 33.56 -11.19 -0.46
C THR D 262 32.93 -10.08 0.36
N SER D 263 31.69 -9.74 0.04
CA SER D 263 30.96 -8.71 0.77
C SER D 263 30.79 -9.08 2.23
N SER D 265 27.96 -13.85 -1.51
CA SER D 265 29.00 -13.34 -0.63
C SER D 265 28.70 -13.69 0.82
N GLY D 266 28.60 -12.68 1.68
CA GLY D 266 28.18 -12.90 3.06
C GLY D 266 29.01 -13.96 3.75
N GLU D 267 28.33 -14.76 4.58
CA GLU D 267 28.97 -15.80 5.36
C GLU D 267 29.07 -17.08 4.54
N LEU D 268 29.46 -18.17 5.18
CA LEU D 268 29.61 -19.45 4.50
C LEU D 268 28.25 -19.99 4.07
N TRP D 269 28.25 -20.70 2.94
CA TRP D 269 27.06 -21.24 2.33
C TRP D 269 27.05 -22.77 2.44
N ARG D 270 25.91 -23.35 2.09
CA ARG D 270 25.77 -24.79 1.99
C ARG D 270 24.87 -25.11 0.80
N MET D 271 25.11 -26.27 0.20
CA MET D 271 24.54 -26.61 -1.10
C MET D 271 23.50 -27.71 -0.99
N VAL D 272 22.37 -27.50 -1.66
CA VAL D 272 21.41 -28.53 -2.01
C VAL D 272 21.51 -28.75 -3.51
N ARG D 273 21.15 -29.95 -3.95
CA ARG D 273 21.40 -30.35 -5.33
C ARG D 273 20.37 -31.37 -5.76
N ILE D 274 19.66 -31.09 -6.86
CA ILE D 274 18.69 -32.01 -7.42
C ILE D 274 19.21 -32.55 -8.74
N GLY D 275 19.19 -33.88 -8.89
CA GLY D 275 19.73 -34.54 -10.05
C GLY D 275 18.67 -34.91 -11.07
N GLY D 276 19.11 -35.06 -12.30
CA GLY D 276 18.23 -35.44 -13.39
C GLY D 276 19.02 -35.97 -14.56
N GLN D 277 18.43 -35.87 -15.74
CA GLN D 277 19.09 -36.32 -16.95
C GLN D 277 19.95 -35.20 -17.53
N PRO D 278 20.92 -35.55 -18.38
CA PRO D 278 21.67 -34.51 -19.10
C PRO D 278 20.77 -33.50 -19.77
N LEU D 279 21.33 -32.36 -20.18
CA LEU D 279 20.56 -31.37 -20.92
C LEU D 279 20.24 -31.89 -22.31
N GLY D 280 19.18 -31.33 -22.90
CA GLY D 280 18.65 -31.84 -24.15
C GLY D 280 17.79 -33.08 -23.99
N PHE D 281 17.80 -33.70 -22.81
CA PHE D 281 16.94 -34.82 -22.48
C PHE D 281 16.09 -34.49 -21.25
N ASP D 282 15.72 -33.22 -21.13
CA ASP D 282 14.96 -32.64 -20.02
C ASP D 282 15.90 -31.92 -19.06
N ALA D 288 14.07 -28.53 -13.25
CA ALA D 288 14.55 -27.19 -13.57
C ALA D 288 14.06 -26.19 -12.53
N GLN D 289 12.74 -25.94 -12.52
CA GLN D 289 12.11 -25.12 -11.51
C GLN D 289 11.73 -25.92 -10.26
N ILE D 290 12.47 -27.00 -9.98
CA ILE D 290 12.15 -27.82 -8.81
C ILE D 290 12.52 -27.11 -7.52
N ILE D 291 13.68 -26.45 -7.48
CA ILE D 291 14.17 -25.82 -6.26
C ILE D 291 13.57 -24.43 -6.13
N GLY D 292 13.78 -23.59 -7.16
CA GLY D 292 13.32 -22.21 -7.10
C GLY D 292 11.82 -22.12 -6.82
N PRO D 293 11.06 -23.16 -7.11
CA PRO D 293 9.63 -23.16 -6.79
C PRO D 293 9.41 -23.04 -5.30
N LEU D 294 9.89 -24.03 -4.53
CA LEU D 294 9.69 -24.01 -3.09
C LEU D 294 10.39 -22.82 -2.45
N ALA D 295 11.47 -22.33 -3.06
CA ALA D 295 12.12 -21.12 -2.56
C ALA D 295 11.21 -19.91 -2.66
N ALA D 296 10.12 -20.01 -3.44
CA ALA D 296 9.11 -18.97 -3.52
C ALA D 296 8.73 -18.43 -2.15
N ALA D 297 8.89 -19.24 -1.11
CA ALA D 297 8.52 -18.85 0.25
C ALA D 297 9.74 -18.33 1.00
N ASP D 298 10.16 -17.13 0.62
CA ASP D 298 11.12 -16.34 1.40
C ASP D 298 12.49 -17.03 1.53
N ILE D 299 12.90 -17.78 0.51
CA ILE D 299 14.22 -18.41 0.50
C ILE D 299 15.03 -17.81 -0.64
N SER D 300 15.88 -16.84 -0.30
CA SER D 300 16.75 -16.20 -1.28
C SER D 300 18.00 -17.05 -1.43
N ALA D 301 18.05 -17.85 -2.50
CA ALA D 301 19.13 -18.80 -2.73
C ALA D 301 20.05 -18.30 -3.84
N TYR D 302 21.10 -19.07 -4.09
CA TYR D 302 22.13 -18.76 -5.07
C TYR D 302 22.24 -19.96 -6.01
N TYR D 303 21.64 -19.86 -7.19
CA TYR D 303 21.44 -21.01 -8.07
C TYR D 303 22.56 -21.11 -9.09
N ILE D 304 22.96 -22.35 -9.39
CA ILE D 304 23.87 -22.67 -10.48
C ILE D 304 23.33 -23.88 -11.20
N SER D 305 23.24 -23.80 -12.53
CA SER D 305 22.69 -24.87 -13.35
C SER D 305 23.81 -25.49 -14.18
N THR D 306 24.09 -26.76 -13.94
CA THR D 306 25.07 -27.50 -14.71
C THR D 306 24.36 -28.43 -15.69
N PHE D 307 25.15 -29.20 -16.43
CA PHE D 307 24.58 -30.02 -17.51
C PHE D 307 23.68 -31.12 -16.97
N ASN D 308 23.92 -31.59 -15.75
CA ASN D 308 23.21 -32.73 -15.20
C ASN D 308 22.33 -32.38 -14.01
N PHE D 309 22.85 -31.63 -13.05
CA PHE D 309 22.13 -31.31 -11.82
C PHE D 309 21.77 -29.82 -11.77
N ASP D 310 20.94 -29.48 -10.79
CA ASP D 310 20.69 -28.10 -10.42
C ASP D 310 21.14 -27.90 -8.99
N HIS D 311 21.86 -26.82 -8.74
CA HIS D 311 22.48 -26.56 -7.45
C HIS D 311 21.93 -25.26 -6.88
N ALA D 312 21.70 -25.26 -5.57
CA ALA D 312 21.28 -24.05 -4.87
C ALA D 312 22.15 -23.93 -3.62
N LEU D 313 22.65 -22.73 -3.35
CA LEU D 313 23.45 -22.45 -2.17
C LEU D 313 22.70 -21.47 -1.29
N VAL D 314 22.63 -21.77 0.00
CA VAL D 314 21.93 -20.91 0.95
C VAL D 314 22.84 -20.77 2.16
N PRO D 315 22.89 -19.61 2.82
CA PRO D 315 23.75 -19.47 4.00
C PRO D 315 23.58 -20.65 4.95
N GLU D 316 24.71 -21.17 5.43
CA GLU D 316 24.73 -22.41 6.18
C GLU D 316 23.69 -22.41 7.31
N ASP D 317 23.56 -21.29 8.01
CA ASP D 317 22.72 -21.22 9.20
C ASP D 317 21.24 -21.48 8.90
N GLY D 318 20.89 -21.66 7.63
CA GLY D 318 19.52 -21.94 7.26
C GLY D 318 19.38 -23.14 6.33
N ILE D 319 20.41 -23.97 6.24
CA ILE D 319 20.34 -25.13 5.33
C ILE D 319 19.14 -25.99 5.69
N GLY D 320 18.94 -26.26 6.99
CA GLY D 320 17.81 -27.07 7.40
C GLY D 320 16.48 -26.53 6.92
N SER D 321 16.39 -25.20 6.73
CA SER D 321 15.15 -24.63 6.22
C SER D 321 14.93 -25.00 4.76
N VAL D 322 15.99 -24.98 3.96
CA VAL D 322 15.83 -25.24 2.52
C VAL D 322 15.43 -26.69 2.25
N ILE D 323 15.84 -27.61 3.12
CA ILE D 323 15.56 -29.03 2.89
C ILE D 323 14.22 -29.47 3.49
N GLU D 324 13.69 -28.73 4.47
CA GLU D 324 12.46 -29.12 5.13
C GLU D 324 11.25 -29.11 4.21
N VAL D 325 11.34 -28.40 3.07
CA VAL D 325 10.16 -28.13 2.25
C VAL D 325 9.37 -29.41 1.99
N LEU D 326 10.00 -30.39 1.37
CA LEU D 326 9.31 -31.61 0.96
C LEU D 326 8.03 -31.29 0.21
#